data_1SDK
#
_entry.id   1SDK
#
_cell.length_a   104.430
_cell.length_b   72.160
_cell.length_c   88.030
_cell.angle_alpha   90.00
_cell.angle_beta   108.25
_cell.angle_gamma   90.00
#
_symmetry.space_group_name_H-M   'C 1 2 1'
#
loop_
_entity.id
_entity.type
_entity.pdbx_description
1 polymer 'HEMOGLOBIN A'
2 polymer 'HEMOGLOBIN A'
3 non-polymer 'PROTOPORPHYRIN IX CONTAINING FE'
4 non-polymer 'CARBON MONOXIDE'
5 non-polymer '1,3,5-BENZENETRICARBOXYLIC ACID'
6 water water
#
loop_
_entity_poly.entity_id
_entity_poly.type
_entity_poly.pdbx_seq_one_letter_code
_entity_poly.pdbx_strand_id
1 'polypeptide(L)'
;VLSPADKTNVKAAWGKVGAHAGEYGAEALERMFLSFPTTKTYFPHFDLSHGSAQVKGHGKKVADALTNAVAHVDDMPNAL
SALSDLHAHKLRVDPVNFKLLSHCLLVTLAAHLPAEFTPAVHASLDKFLASVSTVLTSKYR
;
A,C
2 'polypeptide(L)'
;VHLTPEEKSAVTALWGKVNVDEVGGEALGRLLVVYPWTQRFFESFGDLSTPDAVMGNPKVKAHGKKVLGAFSDGLAHLDN
LKGTFATLSELHCDKLHVDPENFRLLGNVLVCVLAHHFGKEFTPPVQAAYQKVVAGVANALAHKYH
;
B,D
#
loop_
_chem_comp.id
_chem_comp.type
_chem_comp.name
_chem_comp.formula
CMO non-polymer 'CARBON MONOXIDE' 'C O'
HEM non-polymer 'PROTOPORPHYRIN IX CONTAINING FE' 'C34 H32 Fe N4 O4'
TMM non-polymer '1,3,5-BENZENETRICARBOXYLIC ACID' 'C9 H6 O6'
#
# COMPACT_ATOMS: atom_id res chain seq x y z
N VAL A 1 19.05 -3.48 5.55
CA VAL A 1 18.82 -3.87 4.16
C VAL A 1 19.45 -5.25 3.89
N LEU A 2 19.16 -6.04 4.93
CA LEU A 2 19.69 -7.35 5.12
C LEU A 2 21.10 -7.15 5.31
N SER A 3 21.02 -6.45 6.41
CA SER A 3 21.98 -5.93 7.25
C SER A 3 22.34 -7.14 8.07
N PRO A 4 23.55 -7.07 8.57
CA PRO A 4 24.16 -8.15 9.32
C PRO A 4 23.32 -8.75 10.39
N ALA A 5 22.67 -7.93 11.21
CA ALA A 5 21.91 -8.41 12.40
C ALA A 5 20.65 -9.14 12.00
N ASP A 6 20.10 -8.61 10.91
CA ASP A 6 18.89 -9.18 10.37
C ASP A 6 19.11 -10.64 9.90
N LYS A 7 20.19 -10.86 9.19
CA LYS A 7 20.52 -12.20 8.66
C LYS A 7 20.72 -13.22 9.66
N THR A 8 21.45 -12.82 10.58
CA THR A 8 21.82 -13.65 11.61
C THR A 8 20.52 -14.09 12.37
N ASN A 9 19.64 -13.09 12.54
CA ASN A 9 18.28 -13.16 13.22
C ASN A 9 17.33 -14.04 12.41
N VAL A 10 17.39 -13.81 11.10
CA VAL A 10 16.59 -14.56 10.14
C VAL A 10 17.11 -16.03 10.15
N LYS A 11 18.42 -16.24 9.99
CA LYS A 11 18.99 -17.61 9.96
C LYS A 11 18.66 -18.30 11.22
N ALA A 12 18.78 -17.57 12.31
CA ALA A 12 18.46 -18.19 13.59
C ALA A 12 17.03 -18.73 13.77
N ALA A 13 16.02 -17.89 13.43
CA ALA A 13 14.57 -18.23 13.60
C ALA A 13 14.13 -19.23 12.56
N TRP A 14 14.67 -19.11 11.35
CA TRP A 14 14.25 -20.09 10.33
C TRP A 14 14.83 -21.44 10.79
N GLY A 15 15.99 -21.35 11.43
CA GLY A 15 16.58 -22.53 12.01
C GLY A 15 15.64 -23.30 12.97
N LYS A 16 15.02 -22.66 13.93
CA LYS A 16 14.12 -23.41 14.77
C LYS A 16 12.89 -23.82 14.01
N VAL A 17 12.69 -23.33 12.78
CA VAL A 17 11.47 -23.76 12.07
C VAL A 17 11.87 -25.16 11.73
N GLY A 18 13.13 -25.25 11.30
CA GLY A 18 13.79 -26.48 10.95
C GLY A 18 12.83 -27.30 10.12
N ALA A 19 12.50 -28.45 10.68
CA ALA A 19 11.67 -29.46 10.07
C ALA A 19 10.16 -29.26 10.09
N HIS A 20 9.71 -28.08 10.53
CA HIS A 20 8.27 -27.80 10.54
C HIS A 20 7.81 -27.00 9.35
N ALA A 21 8.89 -26.60 8.72
CA ALA A 21 8.83 -25.82 7.57
C ALA A 21 7.68 -25.91 6.61
N GLY A 22 7.47 -27.10 6.11
CA GLY A 22 6.34 -27.35 5.24
C GLY A 22 5.02 -27.22 5.95
N GLU A 23 4.88 -27.71 7.17
CA GLU A 23 3.57 -27.53 7.73
C GLU A 23 3.30 -26.02 8.06
N TYR A 24 4.33 -25.23 8.34
CA TYR A 24 4.08 -23.87 8.68
C TYR A 24 3.63 -23.21 7.41
N GLY A 25 4.26 -23.66 6.34
CA GLY A 25 3.99 -23.11 5.01
C GLY A 25 2.58 -23.34 4.65
N ALA A 26 2.14 -24.54 4.83
CA ALA A 26 0.79 -24.81 4.45
C ALA A 26 -0.21 -24.05 5.34
N GLU A 27 0.10 -23.92 6.64
CA GLU A 27 -0.81 -23.19 7.58
C GLU A 27 -0.90 -21.72 7.16
N ALA A 28 0.27 -21.16 6.76
CA ALA A 28 0.32 -19.80 6.29
C ALA A 28 -0.63 -19.62 5.09
N LEU A 29 -0.63 -20.61 4.19
CA LEU A 29 -1.55 -20.52 3.02
C LEU A 29 -3.05 -20.53 3.38
N GLU A 30 -3.41 -21.44 4.27
CA GLU A 30 -4.78 -21.61 4.66
C GLU A 30 -5.24 -20.33 5.37
N ARG A 31 -4.37 -19.80 6.26
CA ARG A 31 -4.67 -18.54 6.94
C ARG A 31 -4.92 -17.46 5.84
N MET A 32 -4.05 -17.36 4.83
CA MET A 32 -4.23 -16.38 3.75
C MET A 32 -5.59 -16.61 3.02
N PHE A 33 -5.91 -17.86 2.71
CA PHE A 33 -7.15 -18.13 1.95
C PHE A 33 -8.39 -17.73 2.68
N LEU A 34 -8.42 -18.02 3.98
CA LEU A 34 -9.59 -17.70 4.84
C LEU A 34 -9.70 -16.20 5.12
N SER A 35 -8.58 -15.50 5.35
CA SER A 35 -8.72 -14.06 5.68
C SER A 35 -8.85 -13.25 4.49
N PHE A 36 -8.18 -13.66 3.39
CA PHE A 36 -8.18 -12.77 2.20
C PHE A 36 -8.65 -13.62 0.98
N PRO A 37 -9.94 -13.86 0.98
CA PRO A 37 -10.56 -14.71 -0.01
C PRO A 37 -10.27 -14.38 -1.44
N THR A 38 -9.84 -13.15 -1.72
CA THR A 38 -9.56 -12.85 -3.13
C THR A 38 -8.40 -13.72 -3.61
N THR A 39 -7.60 -14.15 -2.67
CA THR A 39 -6.40 -14.91 -3.04
C THR A 39 -6.72 -16.29 -3.62
N LYS A 40 -7.89 -16.80 -3.31
CA LYS A 40 -8.17 -18.16 -3.73
C LYS A 40 -8.21 -18.23 -5.20
N THR A 41 -8.42 -17.10 -5.80
CA THR A 41 -8.55 -17.15 -7.24
C THR A 41 -7.36 -17.71 -8.05
N TYR A 42 -6.16 -17.70 -7.47
CA TYR A 42 -4.98 -18.15 -8.21
C TYR A 42 -4.88 -19.65 -8.21
N PHE A 43 -5.74 -20.27 -7.43
CA PHE A 43 -5.62 -21.71 -7.26
C PHE A 43 -6.94 -22.43 -7.62
N PRO A 44 -7.53 -22.08 -8.74
CA PRO A 44 -8.74 -22.76 -9.20
C PRO A 44 -8.61 -24.30 -9.23
N HIS A 45 -7.42 -24.78 -9.58
CA HIS A 45 -7.25 -26.23 -9.70
C HIS A 45 -7.00 -26.97 -8.38
N PHE A 46 -7.12 -26.28 -7.30
CA PHE A 46 -6.83 -26.87 -5.98
C PHE A 46 -8.04 -27.05 -5.11
N ASP A 47 -7.92 -27.98 -4.20
CA ASP A 47 -8.93 -28.15 -3.17
C ASP A 47 -8.36 -27.29 -2.03
N LEU A 48 -9.03 -26.23 -1.70
CA LEU A 48 -8.53 -25.32 -0.65
C LEU A 48 -9.18 -25.53 0.67
N SER A 49 -9.75 -26.70 0.90
CA SER A 49 -10.39 -26.96 2.19
C SER A 49 -9.27 -27.26 3.13
N HIS A 50 -9.54 -27.01 4.40
CA HIS A 50 -8.61 -27.25 5.45
C HIS A 50 -8.18 -28.70 5.32
N GLY A 51 -7.02 -29.02 5.84
CA GLY A 51 -6.56 -30.38 5.71
C GLY A 51 -5.96 -30.65 4.31
N SER A 52 -6.53 -30.04 3.27
CA SER A 52 -6.08 -30.19 1.87
C SER A 52 -4.67 -30.72 1.58
N ALA A 53 -4.56 -31.79 0.81
CA ALA A 53 -3.24 -32.35 0.65
C ALA A 53 -2.45 -31.52 -0.28
N GLN A 54 -3.14 -31.04 -1.33
CA GLN A 54 -2.55 -30.16 -2.32
C GLN A 54 -2.06 -28.91 -1.57
N VAL A 55 -2.77 -28.45 -0.54
CA VAL A 55 -2.26 -27.23 0.11
C VAL A 55 -1.07 -27.61 0.97
N LYS A 56 -1.08 -28.84 1.49
CA LYS A 56 0.03 -29.31 2.29
C LYS A 56 1.23 -29.46 1.40
N GLY A 57 0.99 -29.97 0.20
CA GLY A 57 2.11 -30.15 -0.75
C GLY A 57 2.69 -28.81 -1.21
N HIS A 58 1.79 -27.87 -1.48
CA HIS A 58 2.19 -26.56 -1.93
C HIS A 58 2.98 -25.80 -0.86
N GLY A 59 2.52 -26.00 0.36
CA GLY A 59 3.10 -25.36 1.52
C GLY A 59 4.54 -25.79 1.61
N LYS A 60 4.77 -27.09 1.38
CA LYS A 60 6.13 -27.64 1.50
C LYS A 60 7.06 -26.97 0.49
N LYS A 61 6.53 -26.79 -0.71
CA LYS A 61 7.28 -26.07 -1.73
C LYS A 61 7.54 -24.64 -1.32
N VAL A 62 6.55 -23.99 -0.75
CA VAL A 62 6.76 -22.58 -0.40
C VAL A 62 7.84 -22.45 0.63
N ALA A 63 7.74 -23.34 1.58
CA ALA A 63 8.71 -23.41 2.66
C ALA A 63 10.10 -23.78 2.11
N ASP A 64 10.18 -24.64 1.11
CA ASP A 64 11.53 -24.93 0.66
C ASP A 64 12.14 -23.79 -0.04
N ALA A 65 11.35 -23.02 -0.80
CA ALA A 65 11.91 -21.86 -1.50
C ALA A 65 12.46 -20.80 -0.50
N LEU A 66 11.78 -20.64 0.65
CA LEU A 66 12.25 -19.67 1.68
C LEU A 66 13.50 -20.15 2.36
N THR A 67 13.56 -21.44 2.56
CA THR A 67 14.79 -21.98 3.19
C THR A 67 16.05 -21.70 2.35
N ASN A 68 15.87 -21.87 1.05
CA ASN A 68 16.91 -21.62 0.08
C ASN A 68 17.28 -20.17 0.08
N ALA A 69 16.24 -19.37 0.04
CA ALA A 69 16.46 -17.94 0.05
C ALA A 69 17.29 -17.53 1.31
N VAL A 70 17.01 -18.12 2.44
CA VAL A 70 17.74 -17.78 3.68
C VAL A 70 19.17 -18.25 3.53
N ALA A 71 19.28 -19.48 3.04
CA ALA A 71 20.56 -20.06 2.76
C ALA A 71 21.27 -19.20 1.77
N HIS A 72 20.56 -18.35 1.07
CA HIS A 72 21.22 -17.48 0.09
C HIS A 72 20.89 -16.04 0.17
N VAL A 73 20.62 -15.50 1.37
CA VAL A 73 20.22 -14.08 1.58
C VAL A 73 21.06 -13.06 0.81
N ASP A 74 22.35 -13.35 0.64
CA ASP A 74 23.17 -12.41 -0.07
C ASP A 74 23.08 -12.53 -1.56
N ASP A 75 22.36 -13.52 -2.02
CA ASP A 75 22.23 -13.67 -3.42
C ASP A 75 20.81 -14.11 -3.87
N MET A 76 19.79 -13.43 -3.31
CA MET A 76 18.38 -13.76 -3.59
C MET A 76 17.93 -13.72 -5.02
N PRO A 77 18.25 -12.63 -5.73
CA PRO A 77 17.85 -12.55 -7.12
C PRO A 77 18.31 -13.76 -7.94
N ASN A 78 19.54 -14.22 -7.70
CA ASN A 78 19.93 -15.40 -8.45
C ASN A 78 19.12 -16.52 -7.89
N ALA A 79 19.18 -16.74 -6.60
CA ALA A 79 18.49 -17.88 -6.10
C ALA A 79 16.98 -17.97 -6.44
N LEU A 80 16.28 -16.84 -6.55
CA LEU A 80 14.81 -16.89 -6.86
C LEU A 80 14.40 -16.49 -8.27
N SER A 81 15.37 -16.34 -9.21
CA SER A 81 14.98 -15.82 -10.50
C SER A 81 13.89 -16.63 -11.21
N ALA A 82 13.96 -17.96 -11.13
CA ALA A 82 12.94 -18.73 -11.80
C ALA A 82 11.59 -18.52 -11.23
N LEU A 83 11.52 -18.41 -9.90
CA LEU A 83 10.18 -18.20 -9.25
C LEU A 83 9.69 -16.83 -9.53
N SER A 84 10.59 -15.93 -9.83
CA SER A 84 10.18 -14.59 -10.08
C SER A 84 9.57 -14.56 -11.49
N ASP A 85 10.11 -15.34 -12.44
CA ASP A 85 9.48 -15.34 -13.76
C ASP A 85 8.08 -16.01 -13.66
N LEU A 86 8.04 -17.09 -12.89
CA LEU A 86 6.83 -17.84 -12.75
C LEU A 86 5.72 -16.88 -12.28
N HIS A 87 6.00 -16.21 -11.14
CA HIS A 87 5.02 -15.36 -10.45
C HIS A 87 4.55 -14.11 -11.15
N ALA A 88 5.47 -13.40 -11.78
CA ALA A 88 5.13 -12.14 -12.46
C ALA A 88 4.71 -12.41 -13.93
N HIS A 89 5.49 -13.14 -14.70
CA HIS A 89 5.17 -13.38 -16.14
C HIS A 89 4.13 -14.39 -16.44
N LYS A 90 4.23 -15.56 -15.84
CA LYS A 90 3.24 -16.60 -16.11
C LYS A 90 1.98 -16.35 -15.28
N LEU A 91 2.08 -16.36 -13.95
CA LEU A 91 0.84 -16.22 -13.19
C LEU A 91 0.29 -14.86 -12.96
N ARG A 92 1.11 -13.81 -13.18
CA ARG A 92 0.65 -12.42 -12.88
C ARG A 92 0.03 -12.19 -11.50
N VAL A 93 0.72 -12.64 -10.48
CA VAL A 93 0.18 -12.49 -9.13
C VAL A 93 0.23 -11.01 -8.76
N ASP A 94 -0.86 -10.51 -8.28
CA ASP A 94 -0.94 -9.10 -7.87
C ASP A 94 0.06 -8.85 -6.71
N PRO A 95 0.92 -7.85 -6.80
CA PRO A 95 1.93 -7.60 -5.70
C PRO A 95 1.43 -7.53 -4.24
N VAL A 96 0.20 -7.04 -4.10
CA VAL A 96 -0.39 -6.92 -2.78
C VAL A 96 -0.45 -8.28 -2.11
N ASN A 97 -0.72 -9.32 -2.89
CA ASN A 97 -0.84 -10.68 -2.31
C ASN A 97 0.45 -11.17 -1.65
N PHE A 98 1.56 -10.59 -2.06
CA PHE A 98 2.77 -10.99 -1.35
C PHE A 98 2.82 -10.40 0.05
N LYS A 99 2.26 -9.20 0.23
CA LYS A 99 2.18 -8.65 1.59
C LYS A 99 1.23 -9.49 2.43
N LEU A 100 0.15 -9.96 1.81
CA LEU A 100 -0.83 -10.81 2.53
C LEU A 100 -0.22 -12.16 3.04
N LEU A 101 0.59 -12.77 2.17
CA LEU A 101 1.15 -14.08 2.52
C LEU A 101 2.21 -13.81 3.53
N SER A 102 2.97 -12.73 3.33
CA SER A 102 4.00 -12.44 4.32
C SER A 102 3.35 -12.24 5.67
N HIS A 103 2.26 -11.49 5.73
CA HIS A 103 1.64 -11.23 7.03
C HIS A 103 1.20 -12.56 7.63
N CYS A 104 0.63 -13.43 6.81
CA CYS A 104 0.17 -14.73 7.32
C CYS A 104 1.24 -15.67 7.81
N LEU A 105 2.42 -15.53 7.25
CA LEU A 105 3.56 -16.33 7.69
C LEU A 105 4.05 -15.88 9.06
N LEU A 106 4.07 -14.56 9.27
CA LEU A 106 4.46 -13.98 10.60
C LEU A 106 3.47 -14.43 11.64
N VAL A 107 2.20 -14.38 11.25
CA VAL A 107 1.16 -14.85 12.15
C VAL A 107 1.42 -16.32 12.50
N THR A 108 1.69 -17.17 11.53
CA THR A 108 1.93 -18.60 11.76
C THR A 108 3.17 -18.78 12.60
N LEU A 109 4.21 -17.99 12.36
CA LEU A 109 5.41 -18.11 13.18
C LEU A 109 5.16 -17.67 14.58
N ALA A 110 4.47 -16.55 14.75
CA ALA A 110 4.20 -16.09 16.14
C ALA A 110 3.43 -17.15 16.92
N ALA A 111 2.50 -17.78 16.23
CA ALA A 111 1.63 -18.78 16.86
C ALA A 111 2.38 -20.03 17.26
N HIS A 112 3.49 -20.30 16.59
CA HIS A 112 4.22 -21.54 16.85
C HIS A 112 5.51 -21.43 17.57
N LEU A 113 6.13 -20.27 17.56
CA LEU A 113 7.43 -20.04 18.20
C LEU A 113 7.41 -18.76 19.05
N PRO A 114 6.54 -18.75 20.03
CA PRO A 114 6.41 -17.60 20.90
C PRO A 114 7.73 -17.22 21.52
N ALA A 115 8.43 -18.17 22.13
CA ALA A 115 9.74 -17.84 22.69
C ALA A 115 10.72 -17.23 21.67
N GLU A 116 10.65 -17.64 20.41
CA GLU A 116 11.63 -17.01 19.49
C GLU A 116 11.11 -15.77 18.80
N PHE A 117 9.80 -15.66 18.66
CA PHE A 117 9.28 -14.50 17.92
C PHE A 117 9.36 -13.19 18.76
N THR A 118 10.56 -12.66 18.94
CA THR A 118 10.71 -11.49 19.78
C THR A 118 10.52 -10.24 18.93
N PRO A 119 10.44 -9.03 19.52
CA PRO A 119 10.22 -7.87 18.67
C PRO A 119 11.32 -7.75 17.65
N ALA A 120 12.52 -8.02 18.09
CA ALA A 120 13.65 -7.88 17.23
C ALA A 120 13.58 -8.83 16.04
N VAL A 121 13.25 -10.08 16.36
CA VAL A 121 13.14 -11.17 15.36
C VAL A 121 11.93 -10.91 14.38
N HIS A 122 10.86 -10.33 14.94
CA HIS A 122 9.68 -9.95 14.16
C HIS A 122 10.12 -8.90 13.13
N ALA A 123 10.90 -7.91 13.53
CA ALA A 123 11.37 -6.86 12.59
C ALA A 123 12.24 -7.45 11.47
N SER A 124 13.17 -8.31 11.84
CA SER A 124 14.07 -8.89 10.83
C SER A 124 13.30 -9.80 9.87
N LEU A 125 12.39 -10.61 10.40
CA LEU A 125 11.60 -11.47 9.51
C LEU A 125 10.79 -10.62 8.59
N ASP A 126 10.20 -9.56 9.10
CA ASP A 126 9.34 -8.74 8.25
C ASP A 126 10.21 -8.22 7.13
N LYS A 127 11.43 -7.79 7.44
CA LYS A 127 12.27 -7.26 6.34
C LYS A 127 12.73 -8.37 5.40
N PHE A 128 13.02 -9.55 5.92
CA PHE A 128 13.43 -10.64 5.05
C PHE A 128 12.26 -10.94 4.07
N LEU A 129 11.05 -11.07 4.59
CA LEU A 129 9.89 -11.28 3.72
C LEU A 129 9.62 -10.25 2.66
N ALA A 130 9.78 -8.99 3.01
CA ALA A 130 9.62 -7.86 2.09
C ALA A 130 10.64 -8.06 1.02
N SER A 131 11.84 -8.37 1.41
CA SER A 131 12.79 -8.48 0.31
C SER A 131 12.61 -9.68 -0.54
N VAL A 132 12.21 -10.80 0.03
CA VAL A 132 11.80 -11.96 -0.83
C VAL A 132 10.64 -11.46 -1.73
N SER A 133 9.67 -10.71 -1.15
CA SER A 133 8.58 -10.18 -1.97
C SER A 133 9.05 -9.28 -3.08
N THR A 134 9.99 -8.41 -2.77
CA THR A 134 10.53 -7.50 -3.77
C THR A 134 11.14 -8.29 -4.96
N VAL A 135 11.88 -9.35 -4.66
CA VAL A 135 12.52 -10.12 -5.74
C VAL A 135 11.45 -10.81 -6.67
N LEU A 136 10.46 -11.41 -6.04
CA LEU A 136 9.39 -12.08 -6.76
C LEU A 136 8.53 -11.12 -7.61
N THR A 137 8.56 -9.82 -7.37
CA THR A 137 7.65 -8.96 -8.16
C THR A 137 8.55 -8.01 -8.93
N SER A 138 9.84 -8.28 -8.84
CA SER A 138 10.82 -7.46 -9.52
C SER A 138 10.51 -7.33 -11.04
N LYS A 139 10.04 -8.40 -11.70
CA LYS A 139 9.58 -8.37 -13.12
C LYS A 139 8.52 -7.33 -13.45
N TYR A 140 8.02 -6.61 -12.48
CA TYR A 140 7.03 -5.55 -12.78
C TYR A 140 7.68 -4.10 -12.55
N ARG A 141 8.92 -4.09 -12.09
CA ARG A 141 9.66 -2.87 -11.77
C ARG A 141 10.60 -2.55 -12.92
N VAL B 1 -17.85 -3.88 8.42
CA VAL B 1 -17.70 -5.15 9.13
C VAL B 1 -19.01 -5.94 9.16
N HIS B 2 -18.92 -7.19 8.72
CA HIS B 2 -19.97 -8.20 8.75
C HIS B 2 -19.36 -9.51 9.24
N LEU B 3 -19.61 -9.93 10.49
CA LEU B 3 -19.10 -11.25 10.95
C LEU B 3 -20.24 -12.27 10.99
N THR B 4 -19.96 -13.53 10.71
CA THR B 4 -21.00 -14.53 10.81
C THR B 4 -21.22 -14.74 12.34
N PRO B 5 -22.27 -15.48 12.71
CA PRO B 5 -22.57 -15.65 14.14
C PRO B 5 -21.48 -16.46 14.77
N GLU B 6 -20.91 -17.36 13.97
CA GLU B 6 -19.77 -18.14 14.48
C GLU B 6 -18.61 -17.24 14.77
N GLU B 7 -18.40 -16.26 13.89
CA GLU B 7 -17.29 -15.38 14.07
C GLU B 7 -17.55 -14.43 15.29
N LYS B 8 -18.76 -13.87 15.43
CA LYS B 8 -18.95 -12.94 16.55
C LYS B 8 -18.61 -13.57 17.88
N SER B 9 -18.99 -14.82 17.98
CA SER B 9 -18.83 -15.56 19.19
C SER B 9 -17.38 -15.86 19.44
N ALA B 10 -16.71 -16.26 18.40
CA ALA B 10 -15.29 -16.64 18.55
C ALA B 10 -14.46 -15.43 18.94
N VAL B 11 -14.82 -14.28 18.38
CA VAL B 11 -14.08 -13.05 18.62
C VAL B 11 -14.22 -12.70 20.11
N THR B 12 -15.46 -12.79 20.57
CA THR B 12 -15.86 -12.53 21.96
C THR B 12 -15.11 -13.46 22.92
N ALA B 13 -15.13 -14.73 22.61
CA ALA B 13 -14.48 -15.62 23.55
C ALA B 13 -13.00 -15.28 23.66
N LEU B 14 -12.37 -14.92 22.57
CA LEU B 14 -10.96 -14.77 22.71
C LEU B 14 -10.66 -13.48 23.42
N TRP B 15 -11.47 -12.46 23.17
CA TRP B 15 -11.17 -11.12 23.72
C TRP B 15 -11.20 -11.07 25.20
N GLY B 16 -12.07 -11.90 25.74
CA GLY B 16 -12.22 -12.02 27.17
C GLY B 16 -10.97 -12.51 27.84
N LYS B 17 -10.15 -13.24 27.13
CA LYS B 17 -8.90 -13.72 27.73
C LYS B 17 -7.72 -12.82 27.50
N VAL B 18 -7.91 -11.69 26.86
CA VAL B 18 -6.76 -10.83 26.58
C VAL B 18 -6.29 -10.07 27.83
N ASN B 19 -4.99 -9.98 28.03
CA ASN B 19 -4.42 -9.17 29.12
C ASN B 19 -4.29 -7.72 28.69
N VAL B 20 -5.27 -6.99 29.11
CA VAL B 20 -5.42 -5.58 28.92
C VAL B 20 -4.19 -4.82 29.28
N ASP B 21 -3.53 -5.22 30.36
CA ASP B 21 -2.39 -4.41 30.75
C ASP B 21 -1.16 -4.58 29.91
N GLU B 22 -1.11 -5.62 29.07
CA GLU B 22 0.11 -5.93 28.31
C GLU B 22 -0.04 -5.97 26.79
N VAL B 23 -1.05 -6.63 26.29
CA VAL B 23 -1.14 -6.75 24.85
C VAL B 23 -1.08 -5.37 24.13
N GLY B 24 -1.66 -4.33 24.70
CA GLY B 24 -1.68 -3.06 23.98
C GLY B 24 -0.33 -2.41 23.95
N GLY B 25 0.49 -2.57 24.98
CA GLY B 25 1.85 -1.99 24.99
C GLY B 25 2.70 -2.82 24.03
N GLU B 26 2.40 -4.13 23.96
CA GLU B 26 3.09 -5.02 23.06
C GLU B 26 2.78 -4.70 21.61
N ALA B 27 1.52 -4.46 21.29
CA ALA B 27 1.24 -4.10 19.91
C ALA B 27 1.87 -2.77 19.57
N LEU B 28 1.67 -1.77 20.44
CA LEU B 28 2.21 -0.48 20.05
C LEU B 28 3.74 -0.56 19.95
N GLY B 29 4.34 -1.26 20.86
CA GLY B 29 5.82 -1.31 20.87
C GLY B 29 6.33 -2.04 19.67
N ARG B 30 5.67 -3.14 19.29
CA ARG B 30 6.18 -3.84 18.04
C ARG B 30 5.95 -2.92 16.82
N LEU B 31 4.87 -2.11 16.84
CA LEU B 31 4.67 -1.15 15.69
C LEU B 31 5.90 -0.24 15.60
N LEU B 32 6.35 0.32 16.74
CA LEU B 32 7.51 1.22 16.72
C LEU B 32 8.83 0.60 16.35
N VAL B 33 8.99 -0.66 16.64
CA VAL B 33 10.23 -1.38 16.32
C VAL B 33 10.21 -1.87 14.86
N VAL B 34 9.13 -2.46 14.42
CA VAL B 34 9.06 -3.01 13.04
C VAL B 34 8.93 -1.92 11.99
N TYR B 35 8.18 -0.85 12.28
CA TYR B 35 7.96 0.25 11.33
C TYR B 35 8.48 1.56 11.96
N PRO B 36 9.76 1.75 11.84
CA PRO B 36 10.43 2.80 12.55
C PRO B 36 10.02 4.19 12.33
N TRP B 37 9.46 4.53 11.18
CA TRP B 37 9.08 5.94 10.89
C TRP B 37 7.94 6.26 11.79
N THR B 38 7.30 5.24 12.39
CA THR B 38 6.19 5.59 13.33
C THR B 38 6.71 6.23 14.63
N GLN B 39 8.02 6.12 14.94
CA GLN B 39 8.63 6.71 16.18
C GLN B 39 8.56 8.21 16.13
N ARG B 40 8.40 8.73 14.93
CA ARG B 40 8.31 10.15 14.76
C ARG B 40 7.21 10.76 15.62
N PHE B 41 6.11 10.05 15.76
CA PHE B 41 4.98 10.58 16.47
C PHE B 41 5.11 10.44 18.00
N PHE B 42 6.15 9.76 18.45
CA PHE B 42 6.33 9.56 19.90
C PHE B 42 7.74 9.96 20.36
N GLU B 43 8.32 10.94 19.68
CA GLU B 43 9.71 11.36 19.93
C GLU B 43 9.99 11.88 21.31
N SER B 44 8.92 12.30 21.98
CA SER B 44 9.12 12.79 23.29
C SER B 44 8.85 11.69 24.34
N PHE B 45 8.72 10.42 23.93
CA PHE B 45 8.45 9.32 24.91
C PHE B 45 9.71 8.74 25.57
N GLY B 46 10.89 9.25 25.24
CA GLY B 46 12.07 8.76 25.95
C GLY B 46 12.84 7.88 24.99
N ASP B 47 13.67 7.02 25.52
CA ASP B 47 14.57 6.19 24.71
C ASP B 47 13.84 5.16 23.83
N LEU B 48 13.97 5.25 22.54
CA LEU B 48 13.29 4.28 21.70
C LEU B 48 14.36 3.58 20.81
N SER B 49 15.62 3.66 21.25
CA SER B 49 16.73 3.27 20.43
C SER B 49 17.00 1.83 20.15
N THR B 50 16.44 0.94 20.95
CA THR B 50 16.60 -0.52 20.74
C THR B 50 15.27 -1.15 21.02
N PRO B 51 15.08 -2.35 20.51
CA PRO B 51 13.83 -3.06 20.75
C PRO B 51 13.41 -3.17 22.24
N ASP B 52 14.37 -3.50 23.13
CA ASP B 52 14.13 -3.57 24.58
C ASP B 52 13.86 -2.20 25.07
N ALA B 53 14.58 -1.19 24.55
CA ALA B 53 14.31 0.18 25.03
C ALA B 53 12.85 0.56 24.78
N VAL B 54 12.35 0.21 23.62
CA VAL B 54 10.95 0.59 23.25
C VAL B 54 9.96 -0.26 23.96
N MET B 55 10.22 -1.55 23.97
CA MET B 55 9.20 -2.36 24.55
C MET B 55 8.96 -2.19 26.03
N GLY B 56 10.01 -1.94 26.81
CA GLY B 56 9.83 -1.86 28.26
C GLY B 56 9.59 -0.40 28.61
N ASN B 57 9.54 0.48 27.60
CA ASN B 57 9.37 1.92 27.83
C ASN B 57 8.05 2.17 28.58
N PRO B 58 8.07 2.74 29.80
CA PRO B 58 6.85 2.89 30.56
C PRO B 58 5.81 3.74 29.87
N LYS B 59 6.24 4.74 29.11
CA LYS B 59 5.22 5.59 28.48
C LYS B 59 4.60 4.87 27.24
N VAL B 60 5.39 4.01 26.60
CA VAL B 60 4.88 3.20 25.48
C VAL B 60 3.77 2.26 26.03
N LYS B 61 4.11 1.53 27.07
CA LYS B 61 3.18 0.59 27.68
C LYS B 61 1.93 1.29 28.15
N ALA B 62 2.07 2.48 28.74
CA ALA B 62 0.93 3.20 29.29
C ALA B 62 0.02 3.62 28.14
N HIS B 63 0.62 4.20 27.13
CA HIS B 63 -0.18 4.66 26.03
C HIS B 63 -0.83 3.43 25.32
N GLY B 64 -0.14 2.28 25.25
CA GLY B 64 -0.69 1.04 24.59
C GLY B 64 -2.02 0.58 25.22
N LYS B 65 -2.18 0.86 26.52
CA LYS B 65 -3.37 0.47 27.30
C LYS B 65 -4.61 1.21 26.85
N LYS B 66 -4.41 2.49 26.56
CA LYS B 66 -5.48 3.30 26.09
C LYS B 66 -5.83 2.88 24.69
N VAL B 67 -4.80 2.62 23.90
CA VAL B 67 -5.09 2.20 22.54
C VAL B 67 -5.90 0.89 22.63
N LEU B 68 -5.50 -0.05 23.50
CA LEU B 68 -6.33 -1.27 23.56
C LEU B 68 -7.74 -0.93 24.12
N GLY B 69 -7.87 0.08 24.98
CA GLY B 69 -9.17 0.43 25.48
C GLY B 69 -10.10 0.79 24.31
N ALA B 70 -9.56 1.50 23.33
CA ALA B 70 -10.39 1.91 22.17
C ALA B 70 -10.78 0.74 21.32
N PHE B 71 -9.87 -0.21 21.13
CA PHE B 71 -10.26 -1.42 20.41
C PHE B 71 -11.42 -2.04 21.18
N SER B 72 -11.27 -2.25 22.49
CA SER B 72 -12.40 -2.84 23.27
C SER B 72 -13.71 -2.16 22.99
N ASP B 73 -13.66 -0.85 22.89
CA ASP B 73 -14.89 -0.18 22.58
C ASP B 73 -15.49 -0.54 21.27
N GLY B 74 -14.65 -0.54 20.28
CA GLY B 74 -15.14 -0.86 18.95
C GLY B 74 -15.70 -2.28 18.97
N LEU B 75 -15.05 -3.20 19.69
CA LEU B 75 -15.58 -4.59 19.73
C LEU B 75 -16.99 -4.63 20.30
N ALA B 76 -17.26 -3.72 21.24
CA ALA B 76 -18.57 -3.58 21.92
C ALA B 76 -19.51 -2.85 21.03
N HIS B 77 -19.05 -2.21 19.97
CA HIS B 77 -19.98 -1.50 19.05
C HIS B 77 -19.76 -1.76 17.61
N LEU B 78 -19.62 -3.04 17.27
CA LEU B 78 -19.33 -3.41 15.88
C LEU B 78 -20.27 -2.82 14.85
N ASP B 79 -21.52 -2.53 15.23
CA ASP B 79 -22.53 -1.98 14.30
C ASP B 79 -22.51 -0.46 14.25
N ASN B 80 -21.63 0.15 15.05
CA ASN B 80 -21.52 1.58 14.88
C ASN B 80 -20.07 2.09 15.12
N LEU B 81 -19.12 1.38 14.48
CA LEU B 81 -17.66 1.63 14.49
C LEU B 81 -17.48 3.09 14.18
N LYS B 82 -18.20 3.50 13.17
CA LYS B 82 -18.06 4.87 12.79
C LYS B 82 -18.42 5.88 13.82
N GLY B 83 -19.57 5.74 14.47
CA GLY B 83 -19.85 6.77 15.46
C GLY B 83 -18.86 6.57 16.65
N THR B 84 -18.42 5.35 16.85
CA THR B 84 -17.58 5.08 18.00
C THR B 84 -16.17 5.73 17.88
N PHE B 85 -15.64 5.80 16.67
CA PHE B 85 -14.31 6.32 16.51
C PHE B 85 -14.25 7.70 15.90
N ALA B 86 -15.40 8.34 15.74
CA ALA B 86 -15.43 9.70 15.13
C ALA B 86 -14.45 10.70 15.77
N THR B 87 -14.45 10.73 17.09
CA THR B 87 -13.60 11.74 17.69
C THR B 87 -12.13 11.39 17.60
N LEU B 88 -11.85 10.10 17.71
CA LEU B 88 -10.48 9.60 17.63
C LEU B 88 -10.00 9.88 16.25
N SER B 89 -10.94 9.73 15.31
CA SER B 89 -10.60 9.96 13.92
C SER B 89 -10.19 11.41 13.68
N GLU B 90 -10.91 12.34 14.27
CA GLU B 90 -10.58 13.73 14.08
C GLU B 90 -9.23 13.99 14.73
N LEU B 91 -9.08 13.48 15.95
CA LEU B 91 -7.78 13.69 16.62
C LEU B 91 -6.60 13.17 15.78
N HIS B 92 -6.73 11.96 15.23
CA HIS B 92 -5.59 11.40 14.46
C HIS B 92 -5.32 12.14 13.18
N CYS B 93 -6.35 12.71 12.58
CA CYS B 93 -6.19 13.48 11.32
C CYS B 93 -5.84 14.90 11.59
N ASP B 94 -6.73 15.59 12.29
CA ASP B 94 -6.51 16.99 12.50
C ASP B 94 -5.45 17.44 13.40
N LYS B 95 -5.27 16.72 14.47
CA LYS B 95 -4.22 17.10 15.36
C LYS B 95 -2.91 16.35 15.17
N LEU B 96 -2.94 15.05 14.92
CA LEU B 96 -1.66 14.34 14.84
C LEU B 96 -1.11 14.15 13.41
N HIS B 97 -2.01 14.18 12.41
CA HIS B 97 -1.61 14.00 11.00
C HIS B 97 -0.99 12.64 10.73
N VAL B 98 -1.59 11.60 11.26
CA VAL B 98 -1.08 10.27 11.04
C VAL B 98 -1.66 9.79 9.72
N ASP B 99 -0.84 9.26 8.83
CA ASP B 99 -1.44 8.68 7.63
C ASP B 99 -2.21 7.39 7.98
N PRO B 100 -3.41 7.25 7.45
CA PRO B 100 -4.25 6.11 7.76
C PRO B 100 -3.68 4.79 7.36
N GLU B 101 -2.64 4.75 6.56
CA GLU B 101 -2.06 3.44 6.22
C GLU B 101 -1.51 2.76 7.46
N ASN B 102 -1.10 3.60 8.41
CA ASN B 102 -0.52 3.13 9.69
C ASN B 102 -1.55 2.47 10.58
N PHE B 103 -2.83 2.77 10.35
CA PHE B 103 -3.91 2.13 11.16
C PHE B 103 -4.03 0.69 10.72
N ARG B 104 -3.83 0.43 9.44
CA ARG B 104 -3.77 -0.97 8.96
C ARG B 104 -2.57 -1.71 9.48
N LEU B 105 -1.40 -1.07 9.48
CA LEU B 105 -0.24 -1.75 10.03
C LEU B 105 -0.44 -2.05 11.49
N LEU B 106 -1.04 -1.11 12.21
CA LEU B 106 -1.18 -1.37 13.65
C LEU B 106 -2.13 -2.57 13.87
N GLY B 107 -3.20 -2.59 13.08
CA GLY B 107 -4.19 -3.71 13.18
C GLY B 107 -3.51 -4.99 12.85
N ASN B 108 -2.65 -5.01 11.81
CA ASN B 108 -1.94 -6.28 11.53
C ASN B 108 -0.92 -6.65 12.63
N VAL B 109 -0.25 -5.67 13.27
CA VAL B 109 0.64 -6.02 14.35
C VAL B 109 -0.21 -6.59 15.51
N LEU B 110 -1.39 -5.99 15.72
CA LEU B 110 -2.24 -6.49 16.82
C LEU B 110 -2.57 -7.97 16.56
N VAL B 111 -2.83 -8.33 15.29
CA VAL B 111 -3.16 -9.73 14.97
C VAL B 111 -1.98 -10.63 15.30
N CYS B 112 -0.79 -10.20 14.94
CA CYS B 112 0.40 -11.03 15.27
C CYS B 112 0.53 -11.15 16.77
N VAL B 113 0.27 -10.05 17.47
CA VAL B 113 0.40 -10.11 18.94
C VAL B 113 -0.66 -11.09 19.55
N LEU B 114 -1.90 -11.12 19.05
CA LEU B 114 -2.91 -12.12 19.57
C LEU B 114 -2.46 -13.54 19.23
N ALA B 115 -1.89 -13.68 18.02
CA ALA B 115 -1.35 -15.03 17.64
C ALA B 115 -0.22 -15.44 18.60
N HIS B 116 0.67 -14.51 18.90
CA HIS B 116 1.82 -14.74 19.80
C HIS B 116 1.36 -15.21 21.18
N HIS B 117 0.32 -14.55 21.69
CA HIS B 117 -0.23 -14.88 22.99
C HIS B 117 -1.06 -16.10 23.01
N PHE B 118 -1.91 -16.31 22.01
CA PHE B 118 -2.83 -17.43 22.08
C PHE B 118 -2.39 -18.72 21.34
N GLY B 119 -1.26 -18.71 20.65
CA GLY B 119 -0.82 -19.92 19.97
C GLY B 119 -1.89 -20.62 19.14
N LYS B 120 -1.93 -21.92 19.30
CA LYS B 120 -2.87 -22.73 18.55
C LYS B 120 -4.31 -22.33 18.75
N GLU B 121 -4.65 -21.61 19.81
CA GLU B 121 -6.04 -21.18 19.95
C GLU B 121 -6.38 -20.15 18.91
N PHE B 122 -5.34 -19.48 18.41
CA PHE B 122 -5.59 -18.44 17.39
C PHE B 122 -5.68 -19.07 15.96
N THR B 123 -6.72 -19.84 15.71
CA THR B 123 -6.89 -20.57 14.46
C THR B 123 -7.11 -19.72 13.24
N PRO B 124 -6.97 -20.33 12.06
CA PRO B 124 -7.24 -19.61 10.82
C PRO B 124 -8.61 -18.95 10.78
N PRO B 125 -9.70 -19.61 11.16
CA PRO B 125 -10.98 -18.85 11.07
C PRO B 125 -11.08 -17.76 12.13
N VAL B 126 -10.44 -17.93 13.28
CA VAL B 126 -10.54 -16.84 14.31
C VAL B 126 -9.68 -15.71 13.77
N GLN B 127 -8.49 -16.03 13.22
CA GLN B 127 -7.68 -14.93 12.65
C GLN B 127 -8.54 -14.20 11.61
N ALA B 128 -9.30 -14.95 10.78
CA ALA B 128 -10.05 -14.30 9.73
C ALA B 128 -11.04 -13.36 10.37
N ALA B 129 -11.62 -13.75 11.47
CA ALA B 129 -12.63 -12.85 12.00
C ALA B 129 -11.89 -11.63 12.56
N TYR B 130 -10.75 -11.81 13.20
CA TYR B 130 -10.11 -10.60 13.72
C TYR B 130 -9.60 -9.65 12.58
N GLN B 131 -9.27 -10.26 11.43
CA GLN B 131 -8.84 -9.46 10.28
C GLN B 131 -9.99 -8.54 9.89
N LYS B 132 -11.22 -9.04 9.94
CA LYS B 132 -12.37 -8.18 9.56
C LYS B 132 -12.55 -7.07 10.61
N VAL B 133 -12.36 -7.38 11.89
CA VAL B 133 -12.50 -6.37 12.92
C VAL B 133 -11.43 -5.28 12.71
N VAL B 134 -10.19 -5.69 12.59
CA VAL B 134 -9.16 -4.68 12.44
C VAL B 134 -9.30 -3.83 11.21
N ALA B 135 -9.73 -4.39 10.13
CA ALA B 135 -9.84 -3.56 8.98
C ALA B 135 -11.01 -2.56 9.19
N GLY B 136 -12.06 -3.00 9.88
CA GLY B 136 -13.25 -2.19 10.19
C GLY B 136 -12.85 -1.00 11.11
N VAL B 137 -11.96 -1.25 12.08
CA VAL B 137 -11.46 -0.13 12.92
C VAL B 137 -10.61 0.86 12.11
N ALA B 138 -9.72 0.35 11.26
CA ALA B 138 -8.79 1.22 10.48
C ALA B 138 -9.68 2.08 9.58
N ASN B 139 -10.70 1.44 9.07
CA ASN B 139 -11.64 2.18 8.27
C ASN B 139 -12.41 3.29 8.96
N ALA B 140 -13.01 2.92 10.09
CA ALA B 140 -13.67 3.93 10.87
C ALA B 140 -12.66 5.02 11.27
N LEU B 141 -11.42 4.67 11.66
CA LEU B 141 -10.51 5.75 12.07
C LEU B 141 -10.19 6.66 10.89
N ALA B 142 -10.32 6.15 9.69
CA ALA B 142 -9.96 6.99 8.54
C ALA B 142 -11.05 7.90 8.06
N HIS B 143 -12.26 7.79 8.64
CA HIS B 143 -13.36 8.55 8.06
C HIS B 143 -13.34 10.04 7.97
N LYS B 144 -12.79 10.69 9.00
CA LYS B 144 -12.68 12.18 9.02
C LYS B 144 -11.47 12.67 8.28
N TYR B 145 -10.87 11.86 7.41
CA TYR B 145 -9.71 12.33 6.65
C TYR B 145 -10.13 12.81 5.26
N HIS B 146 -11.38 12.61 4.86
CA HIS B 146 -11.85 13.06 3.52
C HIS B 146 -13.28 12.71 3.14
N VAL C 1 13.54 -3.31 -13.00
CA VAL C 1 14.42 -2.20 -12.65
C VAL C 1 14.50 -1.54 -13.99
N LEU C 2 15.17 -0.51 -14.04
CA LEU C 2 15.26 0.21 -15.24
C LEU C 2 15.93 -0.62 -16.33
N SER C 3 15.08 -0.95 -17.28
CA SER C 3 15.47 -1.67 -18.47
C SER C 3 16.05 -0.61 -19.37
N PRO C 4 16.88 -0.90 -20.29
CA PRO C 4 17.47 0.13 -21.10
C PRO C 4 16.40 0.94 -21.76
N ALA C 5 15.28 0.30 -22.07
CA ALA C 5 14.17 1.05 -22.71
C ALA C 5 13.62 2.13 -21.74
N ASP C 6 13.47 1.73 -20.51
CA ASP C 6 13.01 2.68 -19.51
C ASP C 6 14.00 3.81 -19.32
N LYS C 7 15.27 3.47 -19.24
CA LYS C 7 16.33 4.46 -19.09
C LYS C 7 16.22 5.54 -20.13
N THR C 8 16.02 5.06 -21.33
CA THR C 8 15.96 5.95 -22.41
C THR C 8 14.74 6.83 -22.28
N ASN C 9 13.61 6.18 -21.94
CA ASN C 9 12.34 6.93 -21.82
C ASN C 9 12.47 8.01 -20.77
N VAL C 10 13.11 7.65 -19.67
CA VAL C 10 13.32 8.65 -18.61
C VAL C 10 14.23 9.84 -19.03
N LYS C 11 15.32 9.55 -19.72
CA LYS C 11 16.22 10.62 -20.11
C LYS C 11 15.50 11.53 -21.05
N ALA C 12 14.71 10.95 -21.94
CA ALA C 12 14.04 11.80 -22.87
C ALA C 12 12.96 12.70 -22.28
N ALA C 13 12.09 12.17 -21.46
CA ALA C 13 11.09 13.07 -20.84
C ALA C 13 11.80 14.14 -19.99
N TRP C 14 12.80 13.70 -19.24
CA TRP C 14 13.49 14.58 -18.31
C TRP C 14 14.25 15.63 -18.99
N GLY C 15 14.62 15.36 -20.23
CA GLY C 15 15.36 16.29 -21.03
C GLY C 15 14.35 17.28 -21.54
N LYS C 16 13.13 16.86 -21.85
CA LYS C 16 12.14 17.82 -22.28
C LYS C 16 11.75 18.73 -21.14
N VAL C 17 11.89 18.28 -19.91
CA VAL C 17 11.56 19.08 -18.73
C VAL C 17 12.55 20.25 -18.73
N GLY C 18 13.81 19.84 -18.77
CA GLY C 18 14.92 20.77 -18.89
C GLY C 18 14.90 21.93 -17.92
N ALA C 19 14.76 23.15 -18.43
CA ALA C 19 14.77 24.33 -17.55
C ALA C 19 13.65 24.50 -16.55
N HIS C 20 12.49 23.96 -16.86
CA HIS C 20 11.35 24.09 -15.96
C HIS C 20 11.36 23.12 -14.85
N ALA C 21 12.40 22.34 -14.76
CA ALA C 21 12.47 21.35 -13.71
C ALA C 21 12.09 21.92 -12.35
N GLY C 22 12.62 23.08 -12.00
CA GLY C 22 12.32 23.72 -10.70
C GLY C 22 10.86 24.10 -10.51
N GLU C 23 10.27 24.75 -11.48
CA GLU C 23 8.86 25.09 -11.44
C GLU C 23 8.00 23.84 -11.30
N TYR C 24 8.39 22.76 -11.95
CA TYR C 24 7.56 21.53 -11.90
C TYR C 24 7.77 20.88 -10.55
N GLY C 25 8.95 21.00 -9.96
CA GLY C 25 9.12 20.37 -8.65
C GLY C 25 8.27 21.14 -7.64
N ALA C 26 8.17 22.46 -7.78
CA ALA C 26 7.37 23.29 -6.87
C ALA C 26 5.87 23.01 -7.05
N GLU C 27 5.45 22.85 -8.29
CA GLU C 27 4.06 22.61 -8.55
C GLU C 27 3.70 21.25 -7.94
N ALA C 28 4.59 20.28 -8.06
CA ALA C 28 4.24 18.98 -7.58
C ALA C 28 4.14 19.03 -6.06
N LEU C 29 4.95 19.85 -5.40
CA LEU C 29 4.86 19.87 -3.93
C LEU C 29 3.57 20.55 -3.59
N GLU C 30 3.20 21.57 -4.34
CA GLU C 30 1.93 22.26 -4.01
C GLU C 30 0.76 21.34 -4.23
N ARG C 31 0.80 20.52 -5.28
CA ARG C 31 -0.30 19.58 -5.49
C ARG C 31 -0.43 18.61 -4.33
N MET C 32 0.73 18.14 -3.90
CA MET C 32 0.75 17.18 -2.83
C MET C 32 0.19 17.85 -1.50
N PHE C 33 0.62 19.10 -1.19
CA PHE C 33 0.15 19.78 0.02
C PHE C 33 -1.37 19.93 0.03
N LEU C 34 -1.97 20.27 -1.11
CA LEU C 34 -3.43 20.42 -1.12
C LEU C 34 -4.18 19.08 -1.18
N SER C 35 -3.65 18.15 -1.97
CA SER C 35 -4.33 16.87 -2.08
C SER C 35 -4.25 16.01 -0.83
N PHE C 36 -3.08 16.02 -0.22
CA PHE C 36 -2.84 15.13 0.93
C PHE C 36 -2.24 16.02 2.04
N PRO C 37 -3.12 16.70 2.74
CA PRO C 37 -2.74 17.72 3.74
C PRO C 37 -1.92 17.18 4.91
N THR C 38 -1.98 15.88 5.08
CA THR C 38 -1.17 15.24 6.10
C THR C 38 0.33 15.46 5.86
N THR C 39 0.73 15.72 4.63
CA THR C 39 2.16 15.88 4.30
C THR C 39 2.67 17.23 4.75
N LYS C 40 1.76 18.11 5.06
CA LYS C 40 2.20 19.44 5.46
C LYS C 40 3.00 19.53 6.74
N THR C 41 2.73 18.58 7.63
CA THR C 41 3.40 18.57 8.91
C THR C 41 4.92 18.59 8.84
N TYR C 42 5.50 18.08 7.77
CA TYR C 42 6.95 17.96 7.73
C TYR C 42 7.64 19.26 7.46
N PHE C 43 6.84 20.27 7.10
CA PHE C 43 7.42 21.57 6.72
C PHE C 43 6.85 22.68 7.67
N PRO C 44 7.10 22.56 8.96
CA PRO C 44 6.55 23.50 9.94
C PRO C 44 6.96 24.94 9.67
N HIS C 45 8.21 25.14 9.38
CA HIS C 45 8.72 26.47 9.15
C HIS C 45 8.50 27.08 7.80
N PHE C 46 7.76 26.42 6.90
CA PHE C 46 7.55 27.00 5.59
C PHE C 46 6.30 27.77 5.45
N ASP C 47 6.30 28.70 4.52
CA ASP C 47 5.07 29.40 4.13
C ASP C 47 4.61 28.44 2.99
N LEU C 48 3.46 27.78 3.12
CA LEU C 48 3.02 26.84 2.10
C LEU C 48 1.93 27.51 1.32
N SER C 49 1.78 28.82 1.40
CA SER C 49 0.70 29.38 0.59
C SER C 49 1.08 29.27 -0.93
N HIS C 50 0.06 29.32 -1.76
CA HIS C 50 0.28 29.23 -3.19
C HIS C 50 1.30 30.27 -3.66
N GLY C 51 2.29 29.91 -4.44
CA GLY C 51 3.27 30.92 -4.89
C GLY C 51 4.41 31.29 -3.90
N SER C 52 4.43 30.65 -2.72
CA SER C 52 5.42 30.88 -1.67
C SER C 52 6.76 30.78 -2.29
N ALA C 53 7.63 31.75 -2.00
CA ALA C 53 9.00 31.73 -2.51
C ALA C 53 9.69 30.47 -1.90
N GLN C 54 9.29 30.05 -0.68
CA GLN C 54 9.94 28.88 0.00
C GLN C 54 9.70 27.54 -0.71
N VAL C 55 8.46 27.34 -1.10
CA VAL C 55 8.10 26.14 -1.84
C VAL C 55 8.85 26.15 -3.15
N LYS C 56 8.93 27.32 -3.81
CA LYS C 56 9.63 27.40 -5.09
C LYS C 56 11.05 26.99 -4.86
N GLY C 57 11.65 27.49 -3.80
CA GLY C 57 13.03 27.10 -3.58
C GLY C 57 13.20 25.62 -3.29
N HIS C 58 12.31 25.13 -2.47
CA HIS C 58 12.49 23.77 -2.18
C HIS C 58 12.20 22.90 -3.41
N GLY C 59 11.33 23.37 -4.26
CA GLY C 59 10.98 22.61 -5.48
C GLY C 59 12.18 22.51 -6.34
N LYS C 60 12.96 23.58 -6.35
CA LYS C 60 14.14 23.53 -7.18
C LYS C 60 15.15 22.50 -6.64
N LYS C 61 15.24 22.37 -5.32
CA LYS C 61 16.22 21.42 -4.79
C LYS C 61 15.77 20.00 -5.10
N VAL C 62 14.47 19.75 -5.05
CA VAL C 62 13.95 18.42 -5.40
C VAL C 62 14.26 18.06 -6.86
N ALA C 63 13.93 19.00 -7.73
CA ALA C 63 14.21 18.81 -9.16
C ALA C 63 15.70 18.49 -9.38
N ASP C 64 16.58 19.23 -8.70
CA ASP C 64 17.97 18.94 -8.91
C ASP C 64 18.32 17.58 -8.53
N ALA C 65 17.80 17.11 -7.39
CA ALA C 65 18.22 15.79 -6.93
C ALA C 65 17.68 14.79 -7.98
N LEU C 66 16.48 15.05 -8.51
CA LEU C 66 15.98 14.10 -9.54
C LEU C 66 16.85 14.25 -10.81
N THR C 67 17.31 15.44 -11.15
CA THR C 67 18.17 15.52 -12.35
C THR C 67 19.43 14.71 -12.12
N ASN C 68 19.93 14.82 -10.90
CA ASN C 68 21.10 14.00 -10.56
C ASN C 68 20.81 12.48 -10.63
N ALA C 69 19.62 12.10 -10.19
CA ALA C 69 19.29 10.69 -10.20
C ALA C 69 19.22 10.19 -11.64
N VAL C 70 18.70 11.00 -12.54
CA VAL C 70 18.57 10.52 -13.92
C VAL C 70 19.96 10.28 -14.52
N ALA C 71 20.87 11.22 -14.17
CA ALA C 71 22.30 11.27 -14.59
C ALA C 71 23.04 10.09 -14.01
N HIS C 72 22.61 9.62 -12.83
CA HIS C 72 23.25 8.43 -12.22
C HIS C 72 22.29 7.30 -12.04
N VAL C 73 21.48 7.09 -13.06
CA VAL C 73 20.49 6.03 -13.07
C VAL C 73 20.97 4.66 -12.72
N ASP C 74 22.24 4.39 -12.96
CA ASP C 74 22.73 3.06 -12.66
C ASP C 74 23.32 2.91 -11.30
N ASP C 75 23.66 4.07 -10.73
CA ASP C 75 24.24 4.15 -9.38
C ASP C 75 23.44 5.05 -8.38
N MET C 76 22.09 5.00 -8.45
CA MET C 76 21.18 5.80 -7.58
C MET C 76 21.49 5.67 -6.11
N PRO C 77 21.61 4.45 -5.64
CA PRO C 77 21.89 4.27 -4.26
C PRO C 77 23.16 5.01 -3.91
N ASN C 78 24.15 4.98 -4.78
CA ASN C 78 25.30 5.79 -4.46
C ASN C 78 24.95 7.26 -4.61
N ALA C 79 24.40 7.65 -5.74
CA ALA C 79 24.09 9.09 -5.90
C ALA C 79 23.18 9.69 -4.83
N LEU C 80 22.25 8.94 -4.26
CA LEU C 80 21.26 9.56 -3.37
C LEU C 80 21.47 9.24 -1.86
N SER C 81 22.60 8.64 -1.52
CA SER C 81 22.80 8.21 -0.14
C SER C 81 22.63 9.24 0.91
N ALA C 82 23.15 10.42 0.68
CA ALA C 82 22.94 11.36 1.70
C ALA C 82 21.46 11.71 1.82
N LEU C 83 20.70 11.61 0.75
CA LEU C 83 19.31 12.04 0.79
C LEU C 83 18.53 11.01 1.54
N SER C 84 18.99 9.77 1.46
CA SER C 84 18.30 8.68 2.18
C SER C 84 18.54 8.84 3.66
N ASP C 85 19.77 9.24 3.99
CA ASP C 85 20.02 9.42 5.37
C ASP C 85 19.11 10.45 5.90
N LEU C 86 18.96 11.54 5.16
CA LEU C 86 18.15 12.64 5.63
C LEU C 86 16.70 12.28 5.83
N HIS C 87 16.12 11.58 4.86
CA HIS C 87 14.67 11.41 4.87
C HIS C 87 14.25 10.30 5.82
N ALA C 88 15.05 9.28 5.86
CA ALA C 88 14.74 8.13 6.67
C ALA C 88 15.24 8.26 8.14
N HIS C 89 16.51 8.59 8.30
CA HIS C 89 17.09 8.68 9.63
C HIS C 89 16.71 9.95 10.36
N LYS C 90 17.00 11.08 9.75
CA LYS C 90 16.66 12.31 10.42
C LYS C 90 15.19 12.70 10.37
N LEU C 91 14.59 12.82 9.21
CA LEU C 91 13.21 13.29 9.16
C LEU C 91 12.19 12.23 9.45
N ARG C 92 12.55 10.97 9.27
CA ARG C 92 11.63 9.89 9.50
C ARG C 92 10.40 10.04 8.67
N VAL C 93 10.57 10.31 7.37
CA VAL C 93 9.41 10.48 6.48
C VAL C 93 8.61 9.17 6.28
N ASP C 94 7.32 9.15 6.58
CA ASP C 94 6.51 7.95 6.43
C ASP C 94 6.68 7.45 4.93
N PRO C 95 6.98 6.19 4.65
CA PRO C 95 7.17 5.82 3.24
C PRO C 95 6.01 6.07 2.32
N VAL C 96 4.81 6.17 2.87
CA VAL C 96 3.66 6.26 1.98
C VAL C 96 3.69 7.63 1.31
N ASN C 97 4.39 8.59 1.94
CA ASN C 97 4.40 9.92 1.35
C ASN C 97 5.21 9.95 0.05
N PHE C 98 6.20 9.07 -0.15
CA PHE C 98 6.98 9.09 -1.41
C PHE C 98 6.03 8.64 -2.54
N LYS C 99 5.04 7.80 -2.26
CA LYS C 99 4.06 7.43 -3.33
C LYS C 99 3.21 8.64 -3.69
N LEU C 100 2.79 9.39 -2.69
CA LEU C 100 1.96 10.56 -2.89
C LEU C 100 2.71 11.61 -3.74
N LEU C 101 3.97 11.92 -3.42
CA LEU C 101 4.75 12.89 -4.18
C LEU C 101 5.06 12.30 -5.61
N SER C 102 5.29 10.99 -5.71
CA SER C 102 5.59 10.41 -7.02
C SER C 102 4.37 10.62 -7.89
N HIS C 103 3.19 10.34 -7.36
CA HIS C 103 1.94 10.56 -8.15
C HIS C 103 1.82 12.02 -8.52
N CYS C 104 1.98 12.93 -7.55
CA CYS C 104 1.85 14.30 -7.90
C CYS C 104 2.87 14.75 -8.98
N LEU C 105 4.08 14.22 -8.94
CA LEU C 105 5.10 14.58 -9.95
C LEU C 105 4.59 14.00 -11.34
N LEU C 106 4.04 12.79 -11.38
CA LEU C 106 3.49 12.28 -12.67
C LEU C 106 2.34 13.14 -13.18
N VAL C 107 1.51 13.64 -12.29
CA VAL C 107 0.35 14.47 -12.70
C VAL C 107 0.86 15.79 -13.24
N THR C 108 1.94 16.35 -12.64
CA THR C 108 2.51 17.65 -13.10
C THR C 108 3.15 17.47 -14.46
N LEU C 109 3.87 16.36 -14.66
CA LEU C 109 4.53 16.04 -15.96
C LEU C 109 3.45 15.77 -17.02
N ALA C 110 2.34 15.15 -16.63
CA ALA C 110 1.26 14.92 -17.59
C ALA C 110 0.64 16.21 -18.09
N ALA C 111 0.50 17.14 -17.16
CA ALA C 111 -0.16 18.42 -17.46
C ALA C 111 0.74 19.35 -18.24
N HIS C 112 2.04 19.16 -18.15
CA HIS C 112 2.94 20.05 -18.85
C HIS C 112 3.54 19.42 -20.09
N LEU C 113 3.53 18.09 -20.25
CA LEU C 113 4.15 17.41 -21.42
C LEU C 113 3.28 16.40 -22.01
N PRO C 114 2.16 16.87 -22.50
CA PRO C 114 1.12 16.02 -23.13
C PRO C 114 1.66 15.18 -24.28
N ALA C 115 2.43 15.76 -25.21
CA ALA C 115 2.96 14.92 -26.26
C ALA C 115 3.96 13.87 -25.78
N GLU C 116 4.67 14.13 -24.69
CA GLU C 116 5.68 13.20 -24.30
C GLU C 116 5.19 12.17 -23.41
N PHE C 117 4.15 12.51 -22.68
CA PHE C 117 3.66 11.58 -21.72
C PHE C 117 2.82 10.47 -22.34
N THR C 118 3.42 9.56 -23.11
CA THR C 118 2.69 8.44 -23.71
C THR C 118 2.59 7.33 -22.68
N PRO C 119 1.75 6.33 -22.94
CA PRO C 119 1.63 5.23 -22.01
C PRO C 119 2.96 4.56 -21.64
N ALA C 120 3.88 4.41 -22.58
CA ALA C 120 5.13 3.73 -22.24
C ALA C 120 6.01 4.66 -21.49
N VAL C 121 5.97 5.95 -21.78
CA VAL C 121 6.83 6.85 -21.01
C VAL C 121 6.28 6.94 -19.55
N HIS C 122 4.95 6.93 -19.44
CA HIS C 122 4.33 6.97 -18.12
C HIS C 122 4.81 5.74 -17.34
N ALA C 123 4.77 4.58 -17.96
CA ALA C 123 5.23 3.36 -17.24
C ALA C 123 6.65 3.52 -16.82
N SER C 124 7.47 4.06 -17.71
CA SER C 124 8.89 4.15 -17.36
C SER C 124 9.11 5.15 -16.19
N LEU C 125 8.43 6.28 -16.26
CA LEU C 125 8.54 7.30 -15.19
C LEU C 125 8.07 6.75 -13.85
N ASP C 126 6.96 6.00 -13.87
CA ASP C 126 6.49 5.41 -12.59
C ASP C 126 7.57 4.49 -11.99
N LYS C 127 8.22 3.65 -12.81
CA LYS C 127 9.27 2.70 -12.29
C LYS C 127 10.47 3.43 -11.75
N PHE C 128 10.85 4.47 -12.48
CA PHE C 128 11.97 5.30 -12.05
C PHE C 128 11.65 5.97 -10.69
N LEU C 129 10.47 6.60 -10.57
CA LEU C 129 10.15 7.29 -9.32
C LEU C 129 9.99 6.27 -8.16
N ALA C 130 9.61 5.04 -8.47
CA ALA C 130 9.44 4.01 -7.44
C ALA C 130 10.87 3.61 -7.04
N SER C 131 11.79 3.64 -7.99
CA SER C 131 13.19 3.30 -7.66
C SER C 131 13.74 4.43 -6.81
N VAL C 132 13.53 5.69 -7.17
CA VAL C 132 14.07 6.70 -6.31
C VAL C 132 13.48 6.56 -4.91
N SER C 133 12.20 6.21 -4.84
CA SER C 133 11.47 6.11 -3.53
C SER C 133 12.11 5.03 -2.73
N THR C 134 12.32 3.93 -3.42
CA THR C 134 13.00 2.79 -2.80
C THR C 134 14.37 3.13 -2.20
N VAL C 135 15.19 3.86 -2.93
CA VAL C 135 16.47 4.31 -2.40
C VAL C 135 16.25 5.24 -1.16
N LEU C 136 15.46 6.26 -1.28
CA LEU C 136 15.18 7.15 -0.14
C LEU C 136 14.56 6.49 1.12
N THR C 137 13.95 5.31 1.03
CA THR C 137 13.39 4.71 2.26
C THR C 137 14.22 3.46 2.70
N SER C 138 15.39 3.36 2.10
CA SER C 138 16.17 2.19 2.27
C SER C 138 16.63 2.00 3.65
N LYS C 139 16.85 3.06 4.40
CA LYS C 139 17.16 2.79 5.79
C LYS C 139 16.07 2.16 6.63
N TYR C 140 14.90 1.94 6.09
CA TYR C 140 13.82 1.35 6.93
C TYR C 140 13.71 -0.13 6.62
N ARG C 141 14.39 -0.38 5.50
CA ARG C 141 14.50 -1.59 4.74
C ARG C 141 13.64 -1.64 3.47
N VAL D 1 -17.93 10.40 1.66
CA VAL D 1 -17.68 11.58 0.95
C VAL D 1 -18.43 12.81 1.30
N HIS D 2 -17.54 13.72 1.69
CA HIS D 2 -17.73 15.07 2.16
C HIS D 2 -17.00 16.10 1.22
N LEU D 3 -17.76 16.67 0.28
CA LEU D 3 -17.26 17.70 -0.63
C LEU D 3 -18.00 19.01 -0.34
N THR D 4 -17.29 20.09 -0.26
CA THR D 4 -18.00 21.32 -0.05
C THR D 4 -18.64 21.73 -1.35
N PRO D 5 -19.50 22.72 -1.37
CA PRO D 5 -20.12 22.99 -2.67
C PRO D 5 -19.17 23.47 -3.73
N GLU D 6 -18.11 24.11 -3.30
CA GLU D 6 -17.13 24.66 -4.21
C GLU D 6 -16.38 23.47 -4.92
N GLU D 7 -16.08 22.42 -4.17
CA GLU D 7 -15.41 21.22 -4.73
C GLU D 7 -16.42 20.52 -5.65
N LYS D 8 -17.65 20.41 -5.19
CA LYS D 8 -18.68 19.81 -6.03
C LYS D 8 -18.73 20.50 -7.36
N SER D 9 -18.77 21.82 -7.27
CA SER D 9 -18.94 22.64 -8.46
C SER D 9 -17.77 22.48 -9.41
N ALA D 10 -16.59 22.48 -8.80
CA ALA D 10 -15.36 22.34 -9.58
C ALA D 10 -15.28 20.96 -10.27
N VAL D 11 -15.68 19.89 -9.59
CA VAL D 11 -15.55 18.61 -10.16
C VAL D 11 -16.58 18.44 -11.27
N THR D 12 -17.80 18.92 -11.04
CA THR D 12 -18.90 18.80 -12.03
C THR D 12 -18.64 19.61 -13.28
N ALA D 13 -18.08 20.82 -13.14
CA ALA D 13 -17.83 21.70 -14.27
C ALA D 13 -16.79 21.04 -15.20
N LEU D 14 -15.79 20.41 -14.63
CA LEU D 14 -14.73 19.82 -15.43
C LEU D 14 -15.27 18.58 -16.09
N TRP D 15 -15.95 17.81 -15.28
CA TRP D 15 -16.49 16.62 -15.81
C TRP D 15 -17.37 16.84 -17.00
N GLY D 16 -18.10 17.97 -17.09
CA GLY D 16 -18.93 18.18 -18.25
C GLY D 16 -18.16 18.40 -19.54
N LYS D 17 -16.86 18.64 -19.40
CA LYS D 17 -16.06 18.84 -20.56
C LYS D 17 -15.29 17.57 -21.00
N VAL D 18 -15.34 16.52 -20.21
CA VAL D 18 -14.57 15.32 -20.55
C VAL D 18 -15.07 14.64 -21.84
N ASN D 19 -14.13 14.29 -22.72
CA ASN D 19 -14.43 13.52 -23.92
C ASN D 19 -14.31 12.08 -23.47
N VAL D 20 -15.43 11.41 -23.25
CA VAL D 20 -15.28 10.08 -22.70
C VAL D 20 -14.61 9.10 -23.68
N ASP D 21 -14.76 9.29 -24.97
CA ASP D 21 -14.16 8.34 -25.86
C ASP D 21 -12.64 8.35 -25.65
N GLU D 22 -12.07 9.53 -25.52
CA GLU D 22 -10.67 9.70 -25.39
C GLU D 22 -10.26 9.36 -24.00
N VAL D 23 -10.97 9.86 -23.01
CA VAL D 23 -10.47 9.62 -21.65
C VAL D 23 -10.57 8.18 -21.20
N GLY D 24 -11.66 7.49 -21.57
CA GLY D 24 -11.88 6.17 -21.06
C GLY D 24 -10.85 5.11 -21.47
N GLY D 25 -10.55 5.06 -22.75
CA GLY D 25 -9.59 4.10 -23.26
C GLY D 25 -8.19 4.43 -22.75
N GLU D 26 -7.84 5.72 -22.68
CA GLU D 26 -6.52 6.05 -22.19
C GLU D 26 -6.45 5.54 -20.74
N ALA D 27 -7.49 5.79 -19.94
CA ALA D 27 -7.45 5.40 -18.47
C ALA D 27 -7.27 3.89 -18.32
N LEU D 28 -8.13 3.13 -19.00
CA LEU D 28 -8.02 1.72 -18.79
C LEU D 28 -6.75 1.20 -19.40
N GLY D 29 -6.44 1.68 -20.59
CA GLY D 29 -5.20 1.17 -21.28
C GLY D 29 -3.96 1.39 -20.40
N ARG D 30 -3.82 2.60 -19.84
CA ARG D 30 -2.73 2.99 -18.95
C ARG D 30 -2.68 2.16 -17.71
N LEU D 31 -3.84 1.81 -17.17
CA LEU D 31 -3.77 0.90 -16.04
C LEU D 31 -3.13 -0.45 -16.47
N LEU D 32 -3.55 -1.00 -17.62
CA LEU D 32 -3.01 -2.29 -18.08
C LEU D 32 -1.51 -2.30 -18.42
N VAL D 33 -1.01 -1.14 -18.91
CA VAL D 33 0.40 -0.96 -19.26
C VAL D 33 1.27 -0.68 -18.07
N VAL D 34 0.80 0.21 -17.18
CA VAL D 34 1.60 0.56 -16.02
C VAL D 34 1.68 -0.45 -14.91
N TYR D 35 0.58 -1.17 -14.68
CA TYR D 35 0.42 -2.14 -13.55
C TYR D 35 -0.02 -3.45 -14.23
N PRO D 36 0.96 -4.11 -14.79
CA PRO D 36 0.74 -5.24 -15.65
C PRO D 36 0.02 -6.41 -15.08
N TRP D 37 0.10 -6.61 -13.78
CA TRP D 37 -0.67 -7.74 -13.19
C TRP D 37 -2.18 -7.58 -13.45
N THR D 38 -2.63 -6.35 -13.71
CA THR D 38 -4.06 -6.13 -13.92
C THR D 38 -4.54 -6.80 -15.17
N GLN D 39 -3.65 -7.05 -16.12
CA GLN D 39 -4.02 -7.75 -17.42
C GLN D 39 -4.60 -9.13 -17.21
N ARG D 40 -4.29 -9.75 -16.08
CA ARG D 40 -4.79 -11.09 -15.76
C ARG D 40 -6.34 -11.10 -15.77
N PHE D 41 -6.94 -10.01 -15.37
CA PHE D 41 -8.38 -10.03 -15.34
C PHE D 41 -9.04 -9.76 -16.69
N PHE D 42 -8.29 -9.38 -17.72
CA PHE D 42 -8.88 -8.99 -18.98
C PHE D 42 -8.34 -9.93 -20.04
N GLU D 43 -7.92 -11.12 -19.63
CA GLU D 43 -7.47 -12.17 -20.55
C GLU D 43 -8.48 -12.39 -21.74
N SER D 44 -9.78 -12.26 -21.51
CA SER D 44 -10.74 -12.40 -22.61
C SER D 44 -10.74 -11.26 -23.69
N PHE D 45 -10.12 -10.12 -23.38
CA PHE D 45 -10.01 -8.97 -24.30
C PHE D 45 -9.03 -9.27 -25.39
N GLY D 46 -8.22 -10.32 -25.24
CA GLY D 46 -7.39 -10.57 -26.37
C GLY D 46 -5.96 -10.30 -26.08
N ASP D 47 -5.28 -9.83 -27.12
CA ASP D 47 -3.87 -9.48 -27.06
C ASP D 47 -3.46 -8.19 -26.31
N LEU D 48 -2.77 -8.42 -25.19
CA LEU D 48 -2.45 -7.36 -24.23
C LEU D 48 -0.95 -7.35 -23.96
N SER D 49 -0.20 -7.78 -24.97
CA SER D 49 1.22 -7.96 -24.85
C SER D 49 2.12 -6.82 -24.72
N THR D 50 1.89 -5.82 -25.55
CA THR D 50 2.76 -4.65 -25.50
C THR D 50 1.86 -3.45 -25.31
N PRO D 51 2.42 -2.29 -25.05
CA PRO D 51 1.63 -1.11 -24.88
C PRO D 51 0.81 -0.89 -26.12
N ASP D 52 1.45 -1.05 -27.28
CA ASP D 52 0.73 -0.77 -28.51
C ASP D 52 -0.41 -1.69 -28.70
N ALA D 53 -0.24 -2.92 -28.29
CA ALA D 53 -1.37 -3.86 -28.43
C ALA D 53 -2.58 -3.41 -27.49
N VAL D 54 -2.24 -3.08 -26.26
CA VAL D 54 -3.25 -2.72 -25.27
C VAL D 54 -3.95 -1.50 -25.79
N MET D 55 -3.15 -0.49 -26.10
CA MET D 55 -3.76 0.77 -26.47
C MET D 55 -4.55 0.65 -27.72
N GLY D 56 -4.34 -0.35 -28.55
CA GLY D 56 -5.15 -0.34 -29.77
C GLY D 56 -6.24 -1.34 -29.70
N ASN D 57 -6.33 -2.02 -28.57
CA ASN D 57 -7.34 -3.04 -28.46
C ASN D 57 -8.74 -2.38 -28.36
N PRO D 58 -9.68 -2.68 -29.28
CA PRO D 58 -11.05 -2.10 -29.26
C PRO D 58 -11.88 -2.44 -28.05
N LYS D 59 -11.62 -3.62 -27.49
CA LYS D 59 -12.34 -4.09 -26.32
C LYS D 59 -11.94 -3.17 -25.16
N VAL D 60 -10.66 -2.82 -25.16
CA VAL D 60 -10.14 -1.94 -24.06
C VAL D 60 -10.76 -0.54 -24.17
N LYS D 61 -10.78 -0.03 -25.39
CA LYS D 61 -11.44 1.26 -25.54
C LYS D 61 -12.90 1.22 -25.15
N ALA D 62 -13.60 0.19 -25.57
CA ALA D 62 -15.00 0.17 -25.29
C ALA D 62 -15.27 0.04 -23.83
N HIS D 63 -14.58 -0.88 -23.22
CA HIS D 63 -14.82 -1.04 -21.81
C HIS D 63 -14.51 0.24 -21.00
N GLY D 64 -13.44 0.94 -21.36
CA GLY D 64 -13.00 2.13 -20.65
C GLY D 64 -14.18 3.12 -20.67
N LYS D 65 -14.91 3.18 -21.77
CA LYS D 65 -16.08 4.06 -21.90
C LYS D 65 -17.12 3.65 -20.84
N LYS D 66 -17.29 2.38 -20.66
CA LYS D 66 -18.24 1.99 -19.59
C LYS D 66 -17.77 2.37 -18.22
N VAL D 67 -16.50 2.19 -17.98
CA VAL D 67 -16.04 2.50 -16.65
C VAL D 67 -16.31 3.96 -16.39
N LEU D 68 -16.05 4.76 -17.39
CA LEU D 68 -16.31 6.16 -17.17
C LEU D 68 -17.79 6.48 -16.95
N GLY D 69 -18.69 5.69 -17.54
CA GLY D 69 -20.13 5.87 -17.34
C GLY D 69 -20.47 5.62 -15.86
N ALA D 70 -19.72 4.74 -15.20
CA ALA D 70 -20.00 4.46 -13.78
C ALA D 70 -19.49 5.63 -12.94
N PHE D 71 -18.34 6.20 -13.27
CA PHE D 71 -17.92 7.39 -12.50
C PHE D 71 -18.93 8.54 -12.62
N SER D 72 -19.57 8.67 -13.78
CA SER D 72 -20.59 9.68 -14.03
C SER D 72 -21.77 9.55 -13.10
N ASP D 73 -22.27 8.33 -12.91
CA ASP D 73 -23.35 8.11 -11.96
C ASP D 73 -22.91 8.40 -10.55
N GLY D 74 -21.67 8.07 -10.24
CA GLY D 74 -21.22 8.48 -8.91
C GLY D 74 -21.16 10.03 -8.77
N LEU D 75 -20.67 10.72 -9.79
CA LEU D 75 -20.62 12.19 -9.73
C LEU D 75 -22.06 12.68 -9.51
N ALA D 76 -23.05 11.92 -9.96
CA ALA D 76 -24.41 12.37 -9.74
C ALA D 76 -25.00 11.95 -8.37
N HIS D 77 -24.28 11.18 -7.58
CA HIS D 77 -24.73 10.82 -6.25
C HIS D 77 -23.60 10.91 -5.27
N LEU D 78 -22.93 12.06 -5.26
CA LEU D 78 -21.74 12.23 -4.39
C LEU D 78 -21.95 11.94 -2.95
N ASP D 79 -23.16 12.16 -2.45
CA ASP D 79 -23.40 11.90 -1.02
C ASP D 79 -23.83 10.49 -0.72
N ASN D 80 -24.04 9.64 -1.73
CA ASN D 80 -24.47 8.26 -1.56
C ASN D 80 -23.72 7.29 -2.54
N LEU D 81 -22.38 7.30 -2.45
CA LEU D 81 -21.54 6.52 -3.36
C LEU D 81 -21.72 5.07 -3.09
N LYS D 82 -21.69 4.77 -1.80
CA LYS D 82 -21.84 3.40 -1.40
C LYS D 82 -23.09 2.79 -2.00
N GLY D 83 -24.19 3.56 -2.10
CA GLY D 83 -25.40 2.94 -2.64
C GLY D 83 -25.35 2.84 -4.14
N THR D 84 -24.92 3.93 -4.68
CA THR D 84 -24.75 4.04 -6.07
C THR D 84 -23.89 2.88 -6.58
N PHE D 85 -22.89 2.53 -5.82
CA PHE D 85 -21.99 1.49 -6.25
C PHE D 85 -22.20 0.08 -5.72
N ALA D 86 -23.23 -0.21 -4.93
CA ALA D 86 -23.27 -1.59 -4.38
C ALA D 86 -23.22 -2.79 -5.30
N THR D 87 -23.86 -2.65 -6.43
CA THR D 87 -23.90 -3.77 -7.36
C THR D 87 -22.54 -4.08 -8.09
N LEU D 88 -21.88 -2.98 -8.46
CA LEU D 88 -20.55 -3.01 -9.10
C LEU D 88 -19.49 -3.64 -8.11
N SER D 89 -19.68 -3.30 -6.84
CA SER D 89 -18.84 -3.76 -5.74
C SER D 89 -19.06 -5.25 -5.65
N GLU D 90 -20.31 -5.67 -5.72
CA GLU D 90 -20.56 -7.09 -5.66
C GLU D 90 -19.89 -7.77 -6.85
N LEU D 91 -20.08 -7.17 -7.99
CA LEU D 91 -19.52 -7.72 -9.17
C LEU D 91 -18.01 -7.88 -9.05
N HIS D 92 -17.31 -6.80 -8.67
CA HIS D 92 -15.82 -6.79 -8.52
C HIS D 92 -15.21 -7.69 -7.43
N CYS D 93 -15.96 -7.88 -6.33
CA CYS D 93 -15.49 -8.72 -5.29
C CYS D 93 -15.88 -10.15 -5.53
N ASP D 94 -17.19 -10.39 -5.50
CA ASP D 94 -17.59 -11.77 -5.64
C ASP D 94 -17.34 -12.39 -6.93
N LYS D 95 -17.63 -11.72 -8.02
CA LYS D 95 -17.39 -12.39 -9.29
C LYS D 95 -15.97 -12.25 -9.82
N LEU D 96 -15.40 -11.06 -9.78
CA LEU D 96 -14.09 -10.93 -10.34
C LEU D 96 -12.97 -11.12 -9.38
N HIS D 97 -13.19 -10.92 -8.09
CA HIS D 97 -12.08 -11.07 -7.14
C HIS D 97 -10.93 -10.10 -7.31
N VAL D 98 -11.24 -8.89 -7.73
CA VAL D 98 -10.18 -7.88 -7.87
C VAL D 98 -9.75 -7.37 -6.48
N ASP D 99 -8.45 -7.29 -6.17
CA ASP D 99 -8.12 -6.71 -4.81
C ASP D 99 -8.43 -5.22 -4.85
N PRO D 100 -8.94 -4.67 -3.76
CA PRO D 100 -9.32 -3.24 -3.76
C PRO D 100 -8.21 -2.27 -3.96
N GLU D 101 -6.99 -2.70 -3.70
CA GLU D 101 -5.90 -1.79 -3.95
C GLU D 101 -5.89 -1.26 -5.43
N ASN D 102 -6.30 -2.13 -6.34
CA ASN D 102 -6.33 -1.68 -7.74
C ASN D 102 -7.41 -0.61 -8.02
N PHE D 103 -8.47 -0.51 -7.20
CA PHE D 103 -9.50 0.57 -7.42
C PHE D 103 -8.77 1.91 -7.13
N ARG D 104 -7.88 1.91 -6.16
CA ARG D 104 -7.09 3.14 -5.89
C ARG D 104 -6.14 3.41 -7.04
N LEU D 105 -5.52 2.34 -7.57
CA LEU D 105 -4.63 2.57 -8.71
C LEU D 105 -5.38 3.14 -9.89
N LEU D 106 -6.51 2.54 -10.26
CA LEU D 106 -7.20 3.06 -11.43
C LEU D 106 -7.61 4.51 -11.13
N GLY D 107 -8.08 4.81 -9.91
CA GLY D 107 -8.46 6.20 -9.60
C GLY D 107 -7.26 7.16 -9.83
N ASN D 108 -6.06 6.75 -9.44
CA ASN D 108 -4.94 7.63 -9.63
C ASN D 108 -4.55 7.79 -11.09
N VAL D 109 -4.74 6.71 -11.82
CA VAL D 109 -4.48 6.73 -13.24
C VAL D 109 -5.51 7.69 -13.91
N LEU D 110 -6.78 7.63 -13.53
CA LEU D 110 -7.74 8.51 -14.13
C LEU D 110 -7.30 9.96 -13.83
N VAL D 111 -6.81 10.21 -12.63
CA VAL D 111 -6.34 11.56 -12.29
C VAL D 111 -5.21 12.04 -13.24
N CYS D 112 -4.18 11.21 -13.45
CA CYS D 112 -3.08 11.53 -14.47
C CYS D 112 -3.65 11.79 -15.88
N VAL D 113 -4.64 11.00 -16.29
CA VAL D 113 -5.21 11.15 -17.64
C VAL D 113 -5.99 12.47 -17.68
N LEU D 114 -6.72 12.78 -16.60
CA LEU D 114 -7.46 14.07 -16.64
C LEU D 114 -6.42 15.21 -16.74
N ALA D 115 -5.28 15.09 -16.06
CA ALA D 115 -4.27 16.16 -16.12
C ALA D 115 -3.74 16.18 -17.52
N HIS D 116 -3.58 14.99 -18.05
CA HIS D 116 -2.99 14.95 -19.36
C HIS D 116 -3.94 15.60 -20.39
N HIS D 117 -5.23 15.35 -20.27
CA HIS D 117 -6.22 15.83 -21.22
C HIS D 117 -6.56 17.29 -21.00
N PHE D 118 -6.56 17.80 -19.76
CA PHE D 118 -6.87 19.21 -19.55
C PHE D 118 -5.70 20.11 -19.30
N GLY D 119 -4.51 19.56 -19.13
CA GLY D 119 -3.34 20.43 -18.93
C GLY D 119 -3.48 21.44 -17.76
N LYS D 120 -3.13 22.69 -17.97
CA LYS D 120 -3.16 23.70 -16.91
C LYS D 120 -4.49 23.90 -16.30
N GLU D 121 -5.52 23.57 -17.01
CA GLU D 121 -6.84 23.75 -16.37
C GLU D 121 -7.07 22.75 -15.24
N PHE D 122 -6.25 21.71 -15.18
CA PHE D 122 -6.37 20.71 -14.09
C PHE D 122 -5.49 21.21 -12.89
N THR D 123 -5.92 22.33 -12.29
CA THR D 123 -5.14 23.03 -11.24
C THR D 123 -5.07 22.22 -9.93
N PRO D 124 -4.14 22.61 -9.03
CA PRO D 124 -3.93 21.84 -7.76
C PRO D 124 -5.21 21.75 -6.94
N PRO D 125 -6.05 22.80 -6.87
CA PRO D 125 -7.33 22.66 -6.12
C PRO D 125 -8.30 21.70 -6.83
N VAL D 126 -8.32 21.72 -8.17
CA VAL D 126 -9.28 20.80 -8.83
C VAL D 126 -8.75 19.37 -8.67
N GLN D 127 -7.42 19.18 -8.77
CA GLN D 127 -6.91 17.82 -8.51
C GLN D 127 -7.27 17.38 -7.08
N ALA D 128 -7.18 18.29 -6.10
CA ALA D 128 -7.49 17.91 -4.70
C ALA D 128 -8.93 17.46 -4.61
N ALA D 129 -9.84 18.16 -5.27
CA ALA D 129 -11.26 17.71 -5.20
C ALA D 129 -11.41 16.31 -5.86
N TYR D 130 -10.77 16.09 -7.03
CA TYR D 130 -10.85 14.79 -7.73
C TYR D 130 -10.21 13.66 -6.91
N GLN D 131 -9.18 13.99 -6.15
CA GLN D 131 -8.59 12.95 -5.32
C GLN D 131 -9.63 12.50 -4.30
N LYS D 132 -10.45 13.43 -3.78
CA LYS D 132 -11.46 13.01 -2.79
C LYS D 132 -12.47 12.12 -3.50
N VAL D 133 -12.88 12.52 -4.67
CA VAL D 133 -13.85 11.74 -5.41
C VAL D 133 -13.24 10.37 -5.72
N VAL D 134 -12.03 10.28 -6.30
CA VAL D 134 -11.57 8.90 -6.59
C VAL D 134 -11.34 8.02 -5.34
N ALA D 135 -10.98 8.66 -4.24
CA ALA D 135 -10.86 7.96 -2.98
C ALA D 135 -12.26 7.52 -2.59
N GLY D 136 -13.25 8.33 -2.87
CA GLY D 136 -14.59 7.90 -2.42
C GLY D 136 -15.13 6.77 -3.27
N VAL D 137 -14.98 6.86 -4.58
CA VAL D 137 -15.46 5.78 -5.46
C VAL D 137 -14.72 4.44 -5.11
N ALA D 138 -13.43 4.54 -4.81
CA ALA D 138 -12.64 3.33 -4.50
C ALA D 138 -13.23 2.68 -3.22
N ASN D 139 -13.50 3.52 -2.23
CA ASN D 139 -14.04 2.98 -1.01
C ASN D 139 -15.46 2.44 -1.25
N ALA D 140 -16.29 3.14 -2.01
CA ALA D 140 -17.61 2.59 -2.28
C ALA D 140 -17.42 1.23 -3.02
N LEU D 141 -16.45 1.11 -3.90
CA LEU D 141 -16.29 -0.20 -4.59
C LEU D 141 -15.77 -1.33 -3.72
N ALA D 142 -15.06 -1.03 -2.64
CA ALA D 142 -14.53 -2.06 -1.75
C ALA D 142 -15.50 -2.50 -0.67
N HIS D 143 -16.59 -1.79 -0.60
CA HIS D 143 -17.62 -2.03 0.35
C HIS D 143 -18.04 -3.44 0.66
N LYS D 144 -18.33 -4.19 -0.40
CA LYS D 144 -18.76 -5.56 -0.24
C LYS D 144 -17.63 -6.46 0.11
N TYR D 145 -16.40 -6.02 0.06
CA TYR D 145 -15.36 -6.91 0.52
C TYR D 145 -15.41 -6.96 2.11
N HIS D 146 -16.01 -5.94 2.72
CA HIS D 146 -16.16 -5.87 4.17
C HIS D 146 -17.40 -6.27 4.94
CHA HEM E . 3.84 -21.68 -7.27
CHB HEM E . 6.90 -20.02 -3.89
CHC HEM E . 3.87 -16.22 -3.23
CHD HEM E . 0.70 -18.26 -6.14
C1A HEM E . 4.93 -21.62 -6.40
C2A HEM E . 6.00 -22.60 -6.28
C3A HEM E . 6.86 -22.12 -5.36
C4A HEM E . 6.35 -20.83 -4.87
CMA HEM E . 8.19 -22.73 -4.90
CAA HEM E . 6.12 -23.93 -7.10
CBA HEM E . 7.10 -23.78 -8.27
CGA HEM E . 7.22 -25.02 -9.14
O1A HEM E . 6.63 -26.05 -8.69
O2A HEM E . 7.82 -24.90 -10.25
C1B HEM E . 6.30 -18.82 -3.46
C2B HEM E . 6.93 -17.94 -2.52
C3B HEM E . 6.12 -16.88 -2.33
C4B HEM E . 4.97 -17.04 -3.19
CMB HEM E . 8.27 -18.32 -1.91
CAB HEM E . 6.33 -15.64 -1.45
CBB HEM E . 6.65 -15.84 -0.19
C1C HEM E . 2.71 -16.48 -3.92
C2C HEM E . 1.48 -15.72 -3.77
C3C HEM E . 0.59 -16.33 -4.52
C4C HEM E . 1.27 -17.38 -5.25
CMC HEM E . 1.28 -14.50 -2.85
CAC HEM E . -0.84 -15.88 -4.82
CBC HEM E . -1.64 -15.41 -3.88
C1D HEM E . 1.27 -19.36 -6.75
C2D HEM E . 0.62 -20.26 -7.70
C3D HEM E . 1.48 -21.18 -8.03
C4D HEM E . 2.66 -20.96 -7.24
CMD HEM E . -0.86 -20.09 -8.21
CAD HEM E . 1.20 -22.33 -9.03
CBD HEM E . 0.73 -23.54 -8.22
CGD HEM E . 0.58 -24.75 -9.06
O1D HEM E . -0.43 -24.75 -9.78
O2D HEM E . 1.53 -25.55 -9.05
NA HEM E . 5.16 -20.55 -5.50
NB HEM E . 5.14 -18.23 -3.88
NC HEM E . 2.55 -17.52 -4.79
ND HEM E . 2.55 -19.78 -6.50
FE HEM E . 3.80 -19.05 -5.16
C CMO F . 2.99 -19.90 -3.94
O CMO F . 2.25 -20.31 -3.11
CHA HEM G . -3.45 9.02 20.80
CHB HEM G . -6.04 5.10 19.63
CHC HEM G . -3.31 4.31 15.80
CHD HEM G . -0.50 7.96 17.12
C1A HEM G . -4.40 8.04 20.86
C2A HEM G . -5.37 7.80 21.93
C3A HEM G . -6.06 6.70 21.67
C4A HEM G . -5.53 6.16 20.40
CMA HEM G . -7.25 6.03 22.41
CAA HEM G . -5.41 8.64 23.19
CBA HEM G . -6.70 9.46 23.10
CGA HEM G . -6.78 10.43 24.22
O1A HEM G . -6.79 9.93 25.38
O2A HEM G . -6.78 11.63 23.82
C1B HEM G . -5.55 4.60 18.43
C2B HEM G . -6.10 3.51 17.73
C3B HEM G . -5.35 3.28 16.64
C4B HEM G . -4.28 4.19 16.72
CMB HEM G . -7.38 2.82 18.27
CAB HEM G . -5.47 2.23 15.49
CBB HEM G . -6.28 1.19 15.60
C1C HEM G . -2.26 5.18 15.86
C2C HEM G . -1.09 5.15 15.00
C3C HEM G . -0.30 6.16 15.38
C4C HEM G . -1.01 6.90 16.41
CMC HEM G . -0.92 4.09 13.91
CAC HEM G . 1.04 6.72 14.84
CBC HEM G . 1.98 5.91 14.34
C1D HEM G . -1.04 8.52 18.24
C2D HEM G . -0.46 9.64 19.02
C3D HEM G . -1.33 9.90 20.01
C4D HEM G . -2.41 8.99 19.94
CMD HEM G . 0.84 10.44 18.64
CAD HEM G . -1.35 10.99 21.06
CBD HEM G . -0.29 10.60 22.04
CGD HEM G . 0.15 11.75 22.92
O1D HEM G . -0.19 11.63 24.12
O2D HEM G . 0.81 12.69 22.39
NA HEM G . -4.51 6.99 19.98
NB HEM G . -4.46 5.07 17.74
NC HEM G . -2.15 6.26 16.69
ND HEM G . -2.25 8.15 18.79
FE HEM G . -3.33 6.63 18.33
C CMO H . -2.42 5.42 19.18
O CMO H . -1.53 5.30 19.71
CHA HEM I . 14.61 17.90 2.05
CHB HEM I . 14.63 15.55 -2.13
CHC HEM I . 10.57 13.26 -0.90
CHD HEM I . 10.20 16.10 3.09
C1A HEM I . 14.93 17.51 0.77
C2A HEM I . 16.07 17.93 -0.01
C3A HEM I . 16.16 17.27 -1.14
C4A HEM I . 15.01 16.39 -1.11
CMA HEM I . 17.17 17.47 -2.34
CAA HEM I . 17.07 18.94 0.55
CBA HEM I . 18.17 18.28 1.38
CGA HEM I . 19.06 19.26 2.12
O1A HEM I . 19.03 20.42 1.65
O2A HEM I . 19.72 18.88 3.15
C1B HEM I . 13.58 14.65 -2.16
C2B HEM I . 13.21 13.79 -3.30
C3B HEM I . 12.11 13.13 -2.89
C4B HEM I . 11.67 13.66 -1.62
CMB HEM I . 14.08 13.66 -4.59
CAB HEM I . 11.30 12.06 -3.65
CBB HEM I . 11.24 12.33 -4.97
C1C HEM I . 10.06 13.88 0.25
C2C HEM I . 8.79 13.56 0.88
C3C HEM I . 8.70 14.36 1.95
C4C HEM I . 9.91 15.17 2.10
CMC HEM I . 7.75 12.49 0.39
CAC HEM I . 7.54 14.38 2.97
CBC HEM I . 6.28 14.31 2.59
C1D HEM I . 11.36 16.78 3.13
C2D HEM I . 11.70 17.71 4.17
C3D HEM I . 12.94 18.12 3.93
C4D HEM I . 13.36 17.66 2.64
CMD HEM I . 10.74 18.03 5.31
CAD HEM I . 13.74 19.10 4.74
CBD HEM I . 13.24 20.49 4.38
CGD HEM I . 14.11 21.57 4.97
O1D HEM I . 13.97 21.63 6.21
O2D HEM I . 14.88 22.25 4.23
NA HEM I . 14.27 16.61 0.01
NB HEM I . 12.58 14.63 -1.23
NC HEM I . 10.76 14.83 1.03
ND HEM I . 12.38 16.81 2.18
FE HEM I . 12.50 15.73 0.49
C CMO J . 11.54 17.04 -0.27
O CMO J . 10.67 17.86 -0.40
CHA HEM K . -16.45 -4.62 -15.41
CHB HEM K . -16.51 -0.24 -13.37
CHC HEM K . -12.15 -1.11 -11.48
CHD HEM K . -11.98 -5.36 -13.60
C1A HEM K . -16.90 -3.34 -15.05
C2A HEM K . -18.00 -2.55 -15.58
C3A HEM K . -18.07 -1.37 -14.99
C4A HEM K . -16.89 -1.33 -14.13
CMA HEM K . -19.07 -0.20 -15.20
CAA HEM K . -19.05 -3.12 -16.54
CBA HEM K . -19.88 -4.10 -15.70
CGA HEM K . -21.07 -4.66 -16.41
O1A HEM K . -20.96 -4.91 -17.63
O2A HEM K . -22.10 -4.82 -15.73
C1B HEM K . -15.33 -0.11 -12.65
C2B HEM K . -14.97 1.08 -11.89
C3B HEM K . -13.80 0.85 -11.26
C4B HEM K . -13.35 -0.49 -11.70
CMB HEM K . -15.94 2.27 -11.80
CAB HEM K . -13.09 1.88 -10.32
CBB HEM K . -12.53 1.57 -9.15
C1C HEM K . -11.64 -2.30 -11.94
C2C HEM K . -10.29 -2.81 -11.72
C3C HEM K . -10.26 -4.01 -12.31
C4C HEM K . -11.57 -4.26 -12.88
CMC HEM K . -9.24 -1.96 -11.00
CAC HEM K . -9.17 -5.08 -12.42
CBC HEM K . -7.91 -4.73 -12.17
C1D HEM K . -13.14 -5.46 -14.36
C2D HEM K . -13.53 -6.64 -15.16
C3D HEM K . -14.78 -6.45 -15.55
C4D HEM K . -15.21 -5.15 -15.14
CMD HEM K . -12.67 -7.89 -15.43
CAD HEM K . -15.60 -7.29 -16.49
CBD HEM K . -15.05 -7.06 -17.89
CGD HEM K . -15.56 -8.07 -18.84
O1D HEM K . -16.52 -7.71 -19.56
O2D HEM K . -15.01 -9.19 -18.80
NA HEM K . -16.16 -2.51 -14.22
NB HEM K . -14.33 -1.06 -12.50
NC HEM K . -12.41 -3.21 -12.64
ND HEM K . -14.23 -4.60 -14.32
FE HEM K . -14.28 -2.85 -13.42
C CMO L . -13.72 -2.19 -14.83
O CMO L . -12.83 -1.88 -15.43
C1 TMM M . -17.91 8.99 3.57
C2 TMM M . -18.31 8.94 4.89
C3 TMM M . -18.70 7.77 5.48
C4 TMM M . -18.76 6.62 4.72
C5 TMM M . -18.40 6.65 3.39
C6 TMM M . -17.98 7.83 2.81
C1A TMM M . -17.51 10.30 2.91
C3A TMM M . -19.11 7.81 6.95
C5A TMM M . -18.39 5.44 2.46
O1A TMM M . -16.89 11.20 3.47
O3A TMM M . -19.02 8.85 7.59
O5A TMM M . -17.78 5.45 1.39
#